data_4C94
#
_entry.id   4C94
#
_cell.length_a   137.899
_cell.length_b   206.594
_cell.length_c   174.691
_cell.angle_alpha   90.00
_cell.angle_beta   90.00
_cell.angle_gamma   90.00
#
_symmetry.space_group_name_H-M   'C 2 2 21'
#
loop_
_entity.id
_entity.type
_entity.pdbx_description
1 polymer 'FRA A 3 ALLERGEN'
2 non-polymer (2R,3S)-2-(3,4-dihydroxyphenyl)-3,4-dihydro-2H-chromene-3,5,7-triol
3 water water
#
_entity_poly.entity_id   1
_entity_poly.type   'polypeptide(L)'
_entity_poly.pdbx_seq_one_letter_code
;AMAGVFTYESEFTSVIPPPKLFKAFVLDADNLIPKIAPQAVKSAEIIEGDGGVGTIKKIHLGEGSEYSYVKHKIDGIDKD
NFVYSYSIIEGDAIGDKIEKISYEIKLVASGGGSIIKSTSHYHTKGEVEIKEEHVKAGKERAAGLFKIIENHLLAHPEEY
N
;
_entity_poly.pdbx_strand_id   A,B,C,D,E
#
loop_
_chem_comp.id
_chem_comp.type
_chem_comp.name
_chem_comp.formula
KXN non-polymer (2R,3S)-2-(3,4-dihydroxyphenyl)-3,4-dihydro-2H-chromene-3,5,7-triol 'C15 H14 O6'
#
# COMPACT_ATOMS: atom_id res chain seq x y z
N ALA A 1 26.53 49.88 -27.92
CA ALA A 1 25.65 49.68 -29.10
C ALA A 1 25.73 48.14 -29.42
N MET A 2 26.86 47.46 -29.06
CA MET A 2 27.12 46.04 -29.51
C MET A 2 26.04 44.99 -29.19
N ALA A 3 25.49 44.38 -30.24
CA ALA A 3 24.58 43.19 -30.07
C ALA A 3 25.24 41.86 -30.30
N GLY A 4 24.65 40.88 -29.64
CA GLY A 4 25.18 39.54 -29.55
C GLY A 4 24.10 38.60 -29.01
N VAL A 5 24.40 37.31 -29.01
CA VAL A 5 23.58 36.28 -28.45
C VAL A 5 24.43 35.19 -27.83
N PHE A 6 24.31 35.03 -26.51
CA PHE A 6 25.00 33.95 -25.83
C PHE A 6 24.00 32.82 -25.58
N THR A 7 24.47 31.62 -25.86
CA THR A 7 23.61 30.47 -25.95
C THR A 7 24.17 29.31 -25.18
N TYR A 8 23.33 28.73 -24.35
CA TYR A 8 23.75 27.85 -23.26
C TYR A 8 22.86 26.64 -23.37
N GLU A 9 23.43 25.48 -23.18
CA GLU A 9 22.62 24.21 -23.18
C GLU A 9 22.59 23.44 -21.91
N SER A 10 21.36 23.06 -21.51
CA SER A 10 21.12 22.35 -20.26
C SER A 10 20.11 21.17 -20.35
N GLU A 11 20.29 20.20 -19.45
CA GLU A 11 19.47 18.99 -19.32
C GLU A 11 19.05 18.68 -17.88
N PHE A 12 17.82 18.18 -17.72
CA PHE A 12 17.22 17.73 -16.46
C PHE A 12 16.68 16.37 -16.86
N THR A 13 16.79 15.38 -16.00
CA THR A 13 15.91 14.25 -16.18
C THR A 13 14.66 14.44 -15.32
N SER A 14 13.60 13.70 -15.66
CA SER A 14 12.42 13.46 -14.85
C SER A 14 11.88 12.06 -14.99
N VAL A 15 11.39 11.46 -13.92
CA VAL A 15 10.61 10.21 -14.03
C VAL A 15 9.22 10.30 -14.64
N ILE A 16 8.69 11.49 -14.83
CA ILE A 16 7.44 11.68 -15.53
C ILE A 16 7.62 11.74 -17.06
N PRO A 17 6.85 10.99 -17.80
CA PRO A 17 6.88 10.90 -19.26
C PRO A 17 6.45 12.16 -19.93
N PRO A 18 6.71 12.28 -21.22
CA PRO A 18 6.53 13.58 -21.77
C PRO A 18 5.15 14.05 -21.86
N PRO A 19 4.28 13.25 -22.36
CA PRO A 19 2.97 13.82 -22.50
C PRO A 19 2.28 14.29 -21.25
N LYS A 20 2.45 13.64 -20.11
CA LYS A 20 1.93 14.20 -18.80
C LYS A 20 2.68 15.46 -18.41
N LEU A 21 4.00 15.37 -18.30
CA LEU A 21 4.83 16.56 -18.01
C LEU A 21 4.46 17.73 -18.88
N PHE A 22 4.27 17.48 -20.13
CA PHE A 22 3.99 18.57 -21.01
C PHE A 22 2.73 19.27 -20.65
N LYS A 23 1.70 18.50 -20.32
CA LYS A 23 0.41 19.14 -20.03
C LYS A 23 0.55 20.03 -18.76
N ALA A 24 1.27 19.53 -17.79
CA ALA A 24 1.48 20.20 -16.53
C ALA A 24 2.41 21.36 -16.58
N PHE A 25 3.63 21.18 -17.04
CA PHE A 25 4.61 22.27 -17.13
C PHE A 25 4.39 23.22 -18.31
N VAL A 26 3.67 22.87 -19.30
CA VAL A 26 3.56 23.81 -20.38
C VAL A 26 2.16 24.25 -20.50
N LEU A 27 1.24 23.38 -20.77
CA LEU A 27 -0.11 23.80 -21.07
C LEU A 27 -0.85 24.41 -19.87
N ASP A 28 -0.71 23.86 -18.69
CA ASP A 28 -1.36 24.38 -17.47
C ASP A 28 -0.48 25.11 -16.50
N ALA A 29 0.76 25.37 -16.84
CA ALA A 29 1.68 26.06 -15.94
C ALA A 29 1.11 27.27 -15.28
N ASP A 30 0.47 28.11 -16.07
CA ASP A 30 -0.15 29.37 -15.61
C ASP A 30 -1.06 29.24 -14.36
N ASN A 31 -2.04 28.35 -14.33
CA ASN A 31 -2.73 28.06 -13.04
C ASN A 31 -2.03 27.13 -12.05
N LEU A 32 -1.41 26.12 -12.55
CA LEU A 32 -0.77 25.14 -11.72
C LEU A 32 0.23 25.76 -10.79
N ILE A 33 1.15 26.57 -11.27
CA ILE A 33 2.24 26.84 -10.37
C ILE A 33 1.82 27.69 -9.18
N PRO A 34 1.04 28.67 -9.43
CA PRO A 34 0.48 29.55 -8.53
C PRO A 34 -0.27 28.82 -7.43
N LYS A 35 -0.75 27.62 -7.70
CA LYS A 35 -1.49 26.80 -6.75
C LYS A 35 -0.64 25.95 -5.90
N ILE A 36 0.41 25.40 -6.49
CA ILE A 36 1.32 24.56 -5.79
C ILE A 36 2.63 25.20 -5.40
N ALA A 37 2.90 26.43 -5.87
CA ALA A 37 4.20 27.11 -5.59
C ALA A 37 4.07 28.62 -5.59
N PRO A 38 3.44 29.08 -4.58
CA PRO A 38 3.09 30.47 -4.46
C PRO A 38 4.34 31.33 -4.29
N GLN A 39 5.40 30.75 -3.74
CA GLN A 39 6.64 31.48 -3.47
C GLN A 39 7.41 31.69 -4.74
N ALA A 40 7.18 30.78 -5.64
CA ALA A 40 7.65 30.92 -7.00
C ALA A 40 6.88 31.91 -7.80
N VAL A 41 5.59 31.76 -7.82
CA VAL A 41 4.73 32.49 -8.73
C VAL A 41 3.30 32.73 -8.15
N LYS A 42 2.92 34.00 -8.03
CA LYS A 42 1.58 34.37 -7.60
C LYS A 42 0.49 34.19 -8.59
N SER A 43 0.66 34.78 -9.77
CA SER A 43 -0.32 34.57 -10.84
C SER A 43 0.24 34.76 -12.23
N ALA A 44 -0.58 34.41 -13.22
CA ALA A 44 -0.21 34.63 -14.57
C ALA A 44 -1.40 34.98 -15.39
N GLU A 45 -1.26 35.95 -16.26
CA GLU A 45 -2.38 36.39 -17.11
C GLU A 45 -1.92 36.76 -18.49
N ILE A 46 -2.79 36.44 -19.44
CA ILE A 46 -2.64 36.93 -20.79
C ILE A 46 -2.87 38.41 -20.93
N ILE A 47 -1.85 39.17 -21.26
CA ILE A 47 -2.00 40.52 -21.71
C ILE A 47 -2.44 40.69 -23.23
N GLU A 48 -1.97 39.86 -24.15
CA GLU A 48 -2.07 40.14 -25.59
C GLU A 48 -2.02 38.87 -26.39
N GLY A 49 -2.77 38.75 -27.45
CA GLY A 49 -2.72 37.51 -28.22
C GLY A 49 -3.96 36.69 -28.07
N ASP A 50 -4.03 35.57 -28.76
CA ASP A 50 -5.18 34.62 -28.70
C ASP A 50 -4.88 33.35 -27.89
N GLY A 51 -3.77 33.38 -27.15
CA GLY A 51 -3.27 32.14 -26.50
C GLY A 51 -2.33 31.23 -27.27
N GLY A 52 -2.29 31.42 -28.57
CA GLY A 52 -1.38 30.65 -29.34
C GLY A 52 -0.08 31.37 -29.46
N VAL A 53 0.64 31.02 -30.50
CA VAL A 53 1.89 31.64 -30.76
C VAL A 53 1.79 33.12 -30.87
N GLY A 54 2.76 33.81 -30.31
CA GLY A 54 2.68 35.25 -30.31
C GLY A 54 1.95 35.87 -29.12
N THR A 55 1.26 35.09 -28.29
CA THR A 55 0.71 35.60 -27.05
C THR A 55 1.76 36.10 -26.09
N ILE A 56 1.48 37.21 -25.46
CA ILE A 56 2.23 37.67 -24.32
C ILE A 56 1.51 37.54 -22.99
N LYS A 57 2.23 37.13 -21.94
CA LYS A 57 1.64 36.90 -20.63
C LYS A 57 2.43 37.70 -19.67
N LYS A 58 1.71 38.32 -18.73
CA LYS A 58 2.39 38.97 -17.57
C LYS A 58 2.34 37.95 -16.50
N ILE A 59 3.51 37.69 -15.98
CA ILE A 59 3.59 36.71 -14.93
C ILE A 59 4.09 37.40 -13.72
N HIS A 60 3.24 37.27 -12.71
CA HIS A 60 3.43 37.85 -11.40
C HIS A 60 4.20 36.97 -10.48
N LEU A 61 5.45 37.30 -10.26
CA LEU A 61 6.25 36.41 -9.46
C LEU A 61 6.05 36.51 -7.96
N GLY A 62 6.56 35.49 -7.29
CA GLY A 62 6.37 35.37 -5.86
C GLY A 62 7.40 36.04 -5.03
N GLU A 63 7.42 35.74 -3.74
CA GLU A 63 8.37 36.41 -2.84
C GLU A 63 9.82 36.12 -3.24
N GLY A 64 10.06 34.91 -3.75
CA GLY A 64 11.39 34.42 -4.17
C GLY A 64 12.09 35.47 -5.02
N SER A 65 11.29 36.15 -5.83
CA SER A 65 11.77 37.19 -6.74
C SER A 65 11.32 38.56 -6.40
N GLU A 66 11.26 38.86 -5.08
CA GLU A 66 10.78 40.16 -4.56
C GLU A 66 9.50 40.64 -5.22
N TYR A 67 8.57 39.74 -5.48
CA TYR A 67 7.28 40.07 -6.21
C TYR A 67 7.38 40.85 -7.52
N SER A 68 8.31 40.49 -8.38
CA SER A 68 8.57 41.14 -9.60
C SER A 68 7.88 40.48 -10.78
N TYR A 69 7.39 41.21 -11.77
CA TYR A 69 6.93 40.57 -13.06
C TYR A 69 8.00 40.05 -14.07
N VAL A 70 7.53 39.18 -14.95
CA VAL A 70 8.12 39.01 -16.25
C VAL A 70 7.02 38.94 -17.26
N LYS A 71 7.38 39.29 -18.49
CA LYS A 71 6.46 39.06 -19.58
C LYS A 71 7.00 37.93 -20.45
N HIS A 72 6.15 36.96 -20.76
CA HIS A 72 6.59 35.88 -21.65
C HIS A 72 5.95 36.05 -22.97
N LYS A 73 6.73 35.80 -24.01
CA LYS A 73 6.22 35.84 -25.37
C LYS A 73 6.21 34.42 -25.81
N ILE A 74 5.06 33.93 -26.21
CA ILE A 74 5.07 32.58 -26.75
C ILE A 74 5.60 32.52 -28.17
N ASP A 75 6.74 31.90 -28.35
CA ASP A 75 7.37 31.76 -29.72
C ASP A 75 6.96 30.51 -30.53
N GLY A 76 6.85 29.38 -29.85
CA GLY A 76 6.08 28.32 -30.42
C GLY A 76 5.69 27.16 -29.53
N ILE A 77 4.67 26.40 -29.93
CA ILE A 77 4.23 25.26 -29.20
C ILE A 77 4.13 24.18 -30.23
N ASP A 78 4.56 22.97 -29.95
CA ASP A 78 4.25 21.81 -30.77
C ASP A 78 3.80 20.75 -29.80
N LYS A 79 2.48 20.56 -29.68
CA LYS A 79 1.93 19.68 -28.66
C LYS A 79 2.17 18.24 -28.92
N ASP A 80 2.80 17.92 -30.04
CA ASP A 80 2.88 16.51 -30.49
C ASP A 80 4.19 16.00 -30.16
N ASN A 81 5.17 16.82 -30.53
CA ASN A 81 6.57 16.60 -30.17
C ASN A 81 7.11 17.16 -28.88
N PHE A 82 6.24 17.79 -28.12
CA PHE A 82 6.57 18.27 -26.81
C PHE A 82 7.65 19.33 -26.86
N VAL A 83 7.36 20.37 -27.62
CA VAL A 83 8.29 21.44 -27.72
C VAL A 83 7.63 22.72 -27.46
N TYR A 84 8.29 23.55 -26.69
CA TYR A 84 7.73 24.83 -26.30
C TYR A 84 8.85 25.82 -26.28
N SER A 85 8.60 27.02 -26.73
CA SER A 85 9.66 28.02 -26.82
C SER A 85 9.00 29.37 -26.60
N TYR A 86 9.61 30.16 -25.75
CA TYR A 86 9.00 31.38 -25.21
C TYR A 86 10.15 32.27 -24.89
N SER A 87 9.93 33.57 -25.03
CA SER A 87 11.02 34.43 -24.66
C SER A 87 10.55 35.35 -23.52
N ILE A 88 11.45 35.55 -22.55
CA ILE A 88 11.24 36.58 -21.56
C ILE A 88 11.56 37.89 -22.25
N ILE A 89 10.61 38.81 -22.32
CA ILE A 89 10.88 40.09 -22.98
C ILE A 89 10.88 41.32 -22.11
N GLU A 90 10.53 41.19 -20.84
CA GLU A 90 10.55 42.32 -19.93
C GLU A 90 10.51 41.78 -18.58
N GLY A 91 11.19 42.43 -17.67
CA GLY A 91 11.14 41.95 -16.32
C GLY A 91 12.46 41.67 -15.71
N ASP A 92 12.58 40.53 -15.08
CA ASP A 92 13.48 40.45 -14.00
C ASP A 92 14.92 40.80 -14.45
N ALA A 93 15.47 39.92 -15.30
CA ALA A 93 16.92 40.07 -15.65
C ALA A 93 17.19 40.89 -16.92
N ILE A 94 16.10 41.50 -17.42
CA ILE A 94 16.13 42.19 -18.62
C ILE A 94 16.48 43.62 -18.36
N GLY A 95 17.80 43.88 -18.29
CA GLY A 95 18.32 45.21 -18.13
C GLY A 95 18.87 45.86 -19.39
N ASP A 96 20.15 46.12 -19.32
CA ASP A 96 20.90 46.92 -20.28
C ASP A 96 21.94 46.01 -20.83
N LYS A 97 22.73 45.38 -19.95
CA LYS A 97 23.54 44.16 -20.25
C LYS A 97 22.85 43.08 -21.17
N ILE A 98 21.50 42.99 -21.09
CA ILE A 98 20.68 41.85 -21.57
C ILE A 98 19.25 42.25 -21.86
N GLU A 99 18.68 41.84 -22.98
CA GLU A 99 17.58 42.60 -23.59
C GLU A 99 16.40 41.71 -23.94
N LYS A 100 16.68 40.41 -23.96
CA LYS A 100 15.67 39.37 -24.18
C LYS A 100 16.38 38.09 -23.82
N ILE A 101 15.61 37.10 -23.35
CA ILE A 101 16.12 35.80 -23.08
C ILE A 101 15.12 34.88 -23.62
N SER A 102 15.62 33.91 -24.39
CA SER A 102 14.76 33.06 -25.17
C SER A 102 15.01 31.64 -24.86
N TYR A 103 13.94 30.84 -24.77
CA TYR A 103 14.11 29.46 -24.42
C TYR A 103 13.43 28.56 -25.45
N GLU A 104 14.11 27.45 -25.81
CA GLU A 104 13.44 26.31 -26.47
C GLU A 104 13.53 25.19 -25.49
N ILE A 105 12.42 24.53 -25.22
CA ILE A 105 12.37 23.38 -24.31
C ILE A 105 11.75 22.20 -25.00
N LYS A 106 12.45 21.09 -24.91
CA LYS A 106 12.13 19.94 -25.71
C LYS A 106 12.14 18.80 -24.73
N LEU A 107 11.00 18.08 -24.69
CA LEU A 107 10.87 16.93 -23.79
C LEU A 107 11.08 15.66 -24.58
N VAL A 108 11.98 14.82 -24.14
CA VAL A 108 12.25 13.63 -24.84
C VAL A 108 11.97 12.40 -24.06
N ALA A 109 11.32 11.47 -24.70
CA ALA A 109 11.04 10.21 -24.02
C ALA A 109 12.28 9.49 -23.55
N SER A 110 12.27 8.97 -22.36
CA SER A 110 13.42 8.21 -22.00
C SER A 110 13.19 7.17 -20.91
N GLY A 111 12.63 6.07 -21.37
CA GLY A 111 12.39 4.95 -20.51
C GLY A 111 11.17 5.26 -19.71
N GLY A 112 10.13 5.74 -20.38
CA GLY A 112 8.93 6.15 -19.62
C GLY A 112 9.11 7.17 -18.51
N GLY A 113 10.36 7.65 -18.44
CA GLY A 113 10.74 8.99 -17.99
C GLY A 113 10.83 10.04 -19.11
N SER A 114 11.45 11.19 -18.80
CA SER A 114 11.76 12.23 -19.76
C SER A 114 13.15 12.81 -19.58
N ILE A 115 13.72 13.29 -20.68
CA ILE A 115 14.85 14.19 -20.55
C ILE A 115 14.44 15.53 -21.08
N ILE A 116 14.68 16.56 -20.29
CA ILE A 116 14.24 17.85 -20.66
C ILE A 116 15.43 18.56 -21.12
N LYS A 117 15.39 18.88 -22.40
CA LYS A 117 16.46 19.57 -23.07
C LYS A 117 16.11 20.98 -23.21
N SER A 118 16.99 21.78 -22.68
CA SER A 118 16.72 23.19 -22.63
C SER A 118 17.82 24.06 -23.24
N THR A 119 17.47 24.78 -24.30
CA THR A 119 18.36 25.77 -24.84
C THR A 119 17.98 27.17 -24.48
N SER A 120 18.90 27.88 -23.86
CA SER A 120 18.66 29.31 -23.62
C SER A 120 19.60 30.28 -24.37
N HIS A 121 19.02 31.38 -24.87
CA HIS A 121 19.65 32.37 -25.73
C HIS A 121 19.52 33.69 -25.04
N TYR A 122 20.62 34.13 -24.44
CA TYR A 122 20.65 35.44 -23.84
C TYR A 122 21.08 36.42 -24.94
N HIS A 123 20.11 37.20 -25.41
CA HIS A 123 20.33 38.32 -26.31
C HIS A 123 21.01 39.52 -25.61
N THR A 124 22.35 39.60 -25.74
CA THR A 124 23.16 40.66 -25.16
C THR A 124 23.15 41.94 -25.92
N LYS A 125 23.77 42.92 -25.24
CA LYS A 125 23.88 44.35 -25.62
C LYS A 125 25.08 44.95 -24.89
N GLY A 126 26.02 45.51 -25.60
CA GLY A 126 27.29 45.86 -24.99
C GLY A 126 28.15 44.70 -24.53
N GLU A 127 29.01 45.03 -23.59
CA GLU A 127 30.06 44.18 -23.04
C GLU A 127 29.42 42.96 -22.52
N VAL A 128 30.16 41.89 -22.44
CA VAL A 128 29.48 40.66 -22.12
C VAL A 128 30.16 39.94 -21.00
N GLU A 129 29.44 40.08 -19.88
CA GLU A 129 29.76 39.51 -18.58
C GLU A 129 28.87 38.31 -18.44
N ILE A 130 29.45 37.13 -18.43
CA ILE A 130 28.61 35.99 -18.13
C ILE A 130 29.33 34.99 -17.26
N LYS A 131 28.88 34.97 -16.00
CA LYS A 131 29.62 34.32 -14.91
C LYS A 131 29.24 32.82 -14.76
N GLU A 132 30.21 31.93 -14.56
CA GLU A 132 29.87 30.52 -14.35
C GLU A 132 28.81 30.26 -13.22
N GLU A 133 28.79 31.17 -12.25
CA GLU A 133 27.77 31.34 -11.18
C GLU A 133 26.42 31.93 -11.57
N HIS A 134 26.35 32.90 -12.47
CA HIS A 134 25.04 33.45 -12.91
C HIS A 134 24.31 32.33 -13.68
N VAL A 135 25.06 31.36 -14.20
CA VAL A 135 24.47 30.34 -15.06
C VAL A 135 24.00 29.19 -14.17
N LYS A 136 24.88 28.58 -13.40
CA LYS A 136 24.49 27.75 -12.25
C LYS A 136 23.24 28.26 -11.48
N ALA A 137 23.11 29.53 -11.12
CA ALA A 137 21.83 30.01 -10.50
C ALA A 137 20.66 29.70 -11.37
N GLY A 138 20.57 30.35 -12.52
CA GLY A 138 19.40 30.27 -13.40
C GLY A 138 18.98 28.82 -13.71
N LYS A 139 19.97 27.93 -13.59
CA LYS A 139 19.86 26.49 -13.89
C LYS A 139 19.22 25.78 -12.74
N GLU A 140 19.79 25.98 -11.55
CA GLU A 140 19.18 25.56 -10.28
C GLU A 140 17.73 26.05 -10.12
N ARG A 141 17.51 27.31 -10.43
CA ARG A 141 16.19 27.84 -10.44
C ARG A 141 15.21 27.03 -11.31
N ALA A 142 15.60 26.70 -12.53
CA ALA A 142 14.65 26.04 -13.38
C ALA A 142 14.45 24.67 -12.87
N ALA A 143 15.53 24.02 -12.47
CA ALA A 143 15.42 22.64 -11.95
C ALA A 143 14.62 22.59 -10.67
N GLY A 144 14.75 23.61 -9.85
CA GLY A 144 13.95 23.67 -8.66
C GLY A 144 12.48 23.59 -8.97
N LEU A 145 12.10 24.26 -10.03
CA LEU A 145 10.73 24.31 -10.42
C LEU A 145 10.26 22.96 -11.09
N PHE A 146 11.01 22.36 -12.02
CA PHE A 146 10.67 21.02 -12.51
C PHE A 146 10.58 20.10 -11.33
N LYS A 147 11.43 20.21 -10.36
CA LYS A 147 11.32 19.25 -9.20
C LYS A 147 10.02 19.47 -8.44
N ILE A 148 9.58 20.72 -8.31
CA ILE A 148 8.34 20.96 -7.61
C ILE A 148 7.18 20.33 -8.34
N ILE A 149 7.16 20.58 -9.63
CA ILE A 149 6.22 19.94 -10.47
C ILE A 149 6.33 18.42 -10.47
N GLU A 150 7.51 17.87 -10.62
CA GLU A 150 7.59 16.40 -10.70
C GLU A 150 7.03 15.81 -9.43
N ASN A 151 7.44 16.35 -8.31
CA ASN A 151 6.94 15.80 -7.02
C ASN A 151 5.48 16.01 -6.77
N HIS A 152 4.97 17.11 -7.26
CA HIS A 152 3.57 17.30 -7.26
C HIS A 152 2.85 16.21 -8.02
N LEU A 153 3.27 15.87 -9.23
CA LEU A 153 2.54 14.88 -9.98
C LEU A 153 2.72 13.49 -9.38
N LEU A 154 3.87 13.23 -8.81
CA LEU A 154 4.00 11.96 -8.13
C LEU A 154 3.05 11.82 -6.94
N ALA A 155 2.74 12.92 -6.30
CA ALA A 155 1.84 12.83 -5.19
C ALA A 155 0.38 13.00 -5.62
N HIS A 156 0.13 13.29 -6.89
CA HIS A 156 -1.24 13.48 -7.39
C HIS A 156 -1.40 12.82 -8.72
N PRO A 157 -1.39 11.49 -8.69
CA PRO A 157 -1.33 10.85 -9.97
C PRO A 157 -2.64 10.95 -10.65
N GLU A 158 -3.68 11.29 -9.89
CA GLU A 158 -4.95 11.51 -10.56
C GLU A 158 -4.85 12.67 -11.58
N GLU A 159 -3.76 13.42 -11.64
CA GLU A 159 -3.75 14.69 -12.41
C GLU A 159 -2.94 14.56 -13.68
N TYR A 160 -3.46 15.19 -14.70
CA TYR A 160 -2.86 15.20 -16.05
C TYR A 160 -2.60 13.85 -16.74
N ASN A 161 -3.67 13.09 -16.86
CA ASN A 161 -3.55 11.86 -17.57
C ASN A 161 -4.03 11.98 -18.98
N ALA B 1 13.44 53.69 21.28
CA ALA B 1 13.43 53.12 22.64
C ALA B 1 12.28 52.07 22.52
N MET B 2 11.15 52.36 21.84
CA MET B 2 9.88 51.59 21.98
C MET B 2 9.78 50.16 21.47
N ALA B 3 9.48 49.26 22.39
CA ALA B 3 9.29 47.86 22.05
C ALA B 3 7.89 47.39 22.07
N GLY B 4 7.56 46.72 20.97
CA GLY B 4 6.22 46.28 20.70
C GLY B 4 6.26 44.98 19.98
N VAL B 5 5.08 44.43 19.73
CA VAL B 5 4.98 43.17 19.00
C VAL B 5 3.80 43.14 18.13
N PHE B 6 4.08 43.00 16.84
CA PHE B 6 2.99 42.84 15.85
C PHE B 6 2.75 41.38 15.60
N THR B 7 1.51 40.98 15.70
CA THR B 7 1.15 39.58 15.66
C THR B 7 0.21 39.25 14.52
N TYR B 8 0.60 38.30 13.68
CA TYR B 8 -0.20 37.89 12.49
C TYR B 8 -0.52 36.43 12.58
N GLU B 9 -1.74 36.11 12.21
CA GLU B 9 -2.17 34.69 12.11
C GLU B 9 -2.61 34.09 10.79
N SER B 10 -2.31 32.82 10.62
CA SER B 10 -2.74 32.13 9.40
C SER B 10 -2.77 30.65 9.57
N GLU B 11 -3.58 29.96 8.76
CA GLU B 11 -3.59 28.50 8.76
C GLU B 11 -3.32 27.90 7.38
N PHE B 12 -2.78 26.68 7.39
CA PHE B 12 -2.51 25.85 6.25
C PHE B 12 -3.16 24.53 6.48
N THR B 13 -3.35 23.73 5.47
CA THR B 13 -3.84 22.36 5.75
C THR B 13 -2.85 21.35 5.22
N SER B 14 -2.93 20.10 5.63
CA SER B 14 -2.14 19.02 5.04
C SER B 14 -2.87 17.72 5.21
N VAL B 15 -2.66 16.77 4.34
CA VAL B 15 -3.30 15.49 4.51
C VAL B 15 -2.44 14.56 5.33
N ILE B 16 -1.23 14.99 5.69
CA ILE B 16 -0.44 14.28 6.70
C ILE B 16 -0.95 14.57 8.04
N PRO B 17 -1.10 13.58 8.86
CA PRO B 17 -1.56 13.87 10.22
C PRO B 17 -0.44 14.28 11.19
N PRO B 18 -0.81 14.78 12.37
CA PRO B 18 0.13 15.56 13.16
C PRO B 18 1.36 14.85 13.61
N PRO B 19 1.21 13.65 14.15
CA PRO B 19 2.45 13.02 14.54
C PRO B 19 3.47 12.94 13.44
N LYS B 20 3.13 12.41 12.24
CA LYS B 20 4.12 12.31 11.11
C LYS B 20 4.64 13.68 10.76
N LEU B 21 3.75 14.66 10.70
CA LEU B 21 4.13 15.96 10.17
C LEU B 21 5.13 16.63 11.07
N PHE B 22 4.91 16.41 12.36
CA PHE B 22 5.83 16.92 13.34
C PHE B 22 7.17 16.22 13.24
N LYS B 23 7.15 14.90 13.11
CA LYS B 23 8.43 14.16 13.01
C LYS B 23 9.30 14.74 11.93
N ALA B 24 8.67 15.16 10.88
CA ALA B 24 9.36 15.50 9.71
C ALA B 24 9.62 16.98 9.61
N PHE B 25 8.62 17.80 9.77
CA PHE B 25 8.85 19.29 9.68
C PHE B 25 9.59 19.92 10.85
N VAL B 26 9.55 19.27 12.00
CA VAL B 26 10.14 19.84 13.21
C VAL B 26 11.35 19.04 13.61
N LEU B 27 11.10 17.88 14.18
CA LEU B 27 12.19 16.99 14.57
C LEU B 27 13.25 16.75 13.51
N ASP B 28 12.95 16.54 12.24
CA ASP B 28 14.02 16.20 11.27
C ASP B 28 14.19 17.28 10.25
N ALA B 29 13.83 18.50 10.62
CA ALA B 29 13.81 19.61 9.65
C ALA B 29 15.15 19.85 9.01
N ASP B 30 16.19 19.75 9.85
CA ASP B 30 17.55 20.09 9.44
C ASP B 30 18.08 19.19 8.36
N ASN B 31 17.72 17.91 8.35
CA ASN B 31 18.00 17.05 7.17
C ASN B 31 17.02 17.08 6.07
N LEU B 32 15.78 17.05 6.44
CA LEU B 32 14.74 16.76 5.49
C LEU B 32 14.63 17.90 4.57
N ILE B 33 14.69 19.12 5.06
CA ILE B 33 14.35 20.23 4.22
C ILE B 33 15.36 20.55 3.18
N PRO B 34 16.63 20.66 3.54
CA PRO B 34 17.58 20.93 2.46
C PRO B 34 17.70 19.83 1.46
N LYS B 35 17.38 18.63 1.88
CA LYS B 35 17.37 17.48 0.97
C LYS B 35 16.34 17.56 -0.08
N ILE B 36 15.18 18.13 0.28
CA ILE B 36 13.99 18.13 -0.54
C ILE B 36 13.67 19.42 -1.19
N ALA B 37 14.20 20.48 -0.62
CA ALA B 37 13.99 21.79 -1.17
C ALA B 37 15.31 22.53 -1.27
N PRO B 38 16.24 22.05 -2.09
CA PRO B 38 17.64 22.50 -2.06
C PRO B 38 17.79 23.86 -2.61
N GLN B 39 17.06 24.10 -3.67
CA GLN B 39 16.68 25.42 -4.13
C GLN B 39 16.29 26.31 -2.93
N ALA B 40 15.68 25.89 -1.83
CA ALA B 40 15.23 26.99 -0.91
C ALA B 40 16.21 27.13 0.19
N VAL B 41 16.73 26.00 0.63
CA VAL B 41 17.62 25.89 1.72
C VAL B 41 18.81 25.01 1.36
N LYS B 42 20.01 25.57 1.36
CA LYS B 42 21.17 24.78 1.00
C LYS B 42 21.56 23.89 2.13
N SER B 43 21.66 24.44 3.33
CA SER B 43 21.81 23.54 4.46
C SER B 43 21.51 24.22 5.78
N ALA B 44 21.51 23.38 6.82
CA ALA B 44 21.24 23.81 8.14
C ALA B 44 22.17 23.07 9.04
N GLU B 45 22.79 23.85 9.91
CA GLU B 45 23.83 23.42 10.80
C GLU B 45 23.58 24.00 12.17
N ILE B 46 23.56 23.14 13.18
CA ILE B 46 23.52 23.59 14.57
C ILE B 46 24.83 24.31 14.96
N ILE B 47 24.74 25.37 15.75
CA ILE B 47 25.92 26.09 16.23
C ILE B 47 25.78 26.45 17.69
N GLU B 48 24.95 25.69 18.38
CA GLU B 48 24.76 25.76 19.80
C GLU B 48 23.77 24.71 20.19
N GLY B 49 23.38 24.65 21.44
CA GLY B 49 22.55 23.54 21.98
C GLY B 49 22.75 22.11 21.44
N ASP B 50 21.79 21.26 21.81
CA ASP B 50 21.81 19.83 21.55
C ASP B 50 20.79 19.37 20.50
N GLY B 51 20.15 20.33 19.83
CA GLY B 51 19.01 20.09 18.95
C GLY B 51 17.62 20.38 19.52
N GLY B 52 17.55 20.68 20.82
CA GLY B 52 16.28 20.95 21.51
C GLY B 52 16.19 22.40 21.95
N VAL B 53 15.33 22.66 22.92
CA VAL B 53 15.06 24.03 23.25
C VAL B 53 16.37 24.76 23.48
N GLY B 54 16.47 26.02 23.10
CA GLY B 54 17.73 26.74 23.14
C GLY B 54 18.63 26.60 21.91
N THR B 55 18.56 25.49 21.18
CA THR B 55 19.47 25.36 20.02
C THR B 55 19.55 26.56 19.07
N ILE B 56 20.70 26.80 18.46
CA ILE B 56 20.75 27.84 17.48
C ILE B 56 21.30 27.30 16.23
N LYS B 57 20.63 27.57 15.11
CA LYS B 57 21.04 27.01 13.85
C LYS B 57 21.39 28.11 12.91
N LYS B 58 22.32 27.79 12.04
CA LYS B 58 22.65 28.70 10.94
C LYS B 58 22.10 28.01 9.73
N ILE B 59 21.26 28.74 9.02
CA ILE B 59 20.55 28.15 7.95
C ILE B 59 21.01 28.83 6.74
N HIS B 60 21.67 28.07 5.89
CA HIS B 60 22.24 28.61 4.69
C HIS B 60 21.17 28.53 3.59
N LEU B 61 20.67 29.67 3.15
CA LEU B 61 19.70 29.75 2.02
C LEU B 61 20.28 29.52 0.64
N GLY B 62 19.36 29.35 -0.31
CA GLY B 62 19.61 29.04 -1.73
C GLY B 62 19.29 30.23 -2.63
N GLU B 63 19.02 30.00 -3.92
CA GLU B 63 19.05 31.15 -4.91
C GLU B 63 17.95 32.22 -4.72
N GLY B 64 16.77 31.84 -4.22
CA GLY B 64 15.65 32.78 -3.95
C GLY B 64 16.06 34.06 -3.22
N SER B 65 16.70 33.96 -2.06
CA SER B 65 17.21 35.13 -1.36
C SER B 65 18.75 35.21 -1.52
N GLU B 66 19.19 34.74 -2.68
CA GLU B 66 20.59 34.85 -3.09
C GLU B 66 21.58 34.33 -2.03
N TYR B 67 21.35 33.13 -1.54
CA TYR B 67 22.31 32.48 -0.58
C TYR B 67 22.49 33.30 0.73
N SER B 68 21.43 33.97 1.15
CA SER B 68 21.40 34.56 2.48
C SER B 68 21.61 33.42 3.54
N TYR B 69 21.90 33.83 4.76
CA TYR B 69 21.78 32.91 5.93
C TYR B 69 20.80 33.53 6.91
N VAL B 70 20.12 32.70 7.69
CA VAL B 70 19.29 33.18 8.78
C VAL B 70 19.68 32.32 9.95
N LYS B 71 19.53 32.84 11.18
CA LYS B 71 19.81 32.07 12.34
C LYS B 71 18.49 31.78 12.96
N HIS B 72 18.30 30.57 13.47
CA HIS B 72 17.07 30.25 14.20
C HIS B 72 17.41 29.87 15.64
N LYS B 73 16.58 30.29 16.57
CA LYS B 73 16.68 29.81 17.91
C LYS B 73 15.42 29.08 18.12
N ILE B 74 15.51 27.88 18.63
CA ILE B 74 14.32 27.20 19.04
C ILE B 74 13.77 27.59 20.40
N ASP B 75 12.60 28.17 20.43
CA ASP B 75 12.04 28.63 21.71
C ASP B 75 11.27 27.57 22.48
N GLY B 76 10.60 26.68 21.80
CA GLY B 76 9.89 25.63 22.51
C GLY B 76 9.54 24.48 21.60
N ILE B 77 9.55 23.26 22.16
CA ILE B 77 9.12 22.02 21.49
C ILE B 77 8.22 21.25 22.43
N ASP B 78 7.23 20.57 21.91
CA ASP B 78 6.26 19.86 22.71
C ASP B 78 5.68 18.71 21.91
N LYS B 79 6.42 17.61 21.81
CA LYS B 79 5.99 16.44 20.97
C LYS B 79 4.57 15.95 21.26
N ASP B 80 3.96 16.32 22.37
CA ASP B 80 2.73 15.61 22.70
C ASP B 80 1.59 16.34 22.18
N ASN B 81 1.62 17.68 22.28
CA ASN B 81 0.63 18.60 21.63
C ASN B 81 0.96 19.12 20.23
N PHE B 82 2.13 18.79 19.73
CA PHE B 82 2.51 19.11 18.40
C PHE B 82 2.60 20.61 18.30
N VAL B 83 3.42 21.19 19.14
CA VAL B 83 3.61 22.58 19.14
C VAL B 83 5.05 22.91 19.04
N TYR B 84 5.39 23.89 18.22
CA TYR B 84 6.76 24.24 17.93
C TYR B 84 6.91 25.73 17.77
N SER B 85 7.96 26.30 18.36
CA SER B 85 8.18 27.75 18.44
C SER B 85 9.63 27.93 18.17
N TYR B 86 9.92 28.99 17.42
CA TYR B 86 11.25 29.23 16.93
C TYR B 86 11.28 30.64 16.45
N SER B 87 12.48 31.23 16.49
CA SER B 87 12.63 32.63 16.10
C SER B 87 13.75 32.84 15.14
N ILE B 88 13.52 33.70 14.17
CA ILE B 88 14.54 34.10 13.24
C ILE B 88 15.16 35.22 14.04
N ILE B 89 16.40 35.06 14.48
CA ILE B 89 17.07 36.08 15.29
C ILE B 89 18.15 36.89 14.62
N GLU B 90 18.51 36.51 13.42
CA GLU B 90 19.52 37.21 12.70
C GLU B 90 19.26 36.80 11.29
N GLY B 91 19.22 37.75 10.37
CA GLY B 91 18.98 37.35 9.01
C GLY B 91 18.57 38.45 8.07
N ASP B 92 18.13 38.00 6.93
CA ASP B 92 17.94 38.92 5.84
C ASP B 92 16.86 39.90 6.32
N ALA B 93 15.72 39.33 6.73
CA ALA B 93 14.58 40.12 7.23
C ALA B 93 14.78 40.91 8.57
N ILE B 94 15.84 40.60 9.33
CA ILE B 94 16.06 41.22 10.64
C ILE B 94 17.04 42.37 10.66
N GLY B 95 16.54 43.55 11.03
CA GLY B 95 17.33 44.75 10.99
C GLY B 95 17.04 45.66 12.16
N ASP B 96 16.35 46.75 11.84
CA ASP B 96 16.19 47.85 12.79
C ASP B 96 14.77 48.14 13.09
N LYS B 97 13.98 48.18 12.03
CA LYS B 97 12.55 48.26 12.18
C LYS B 97 12.04 47.07 13.03
N ILE B 98 12.74 45.94 12.92
CA ILE B 98 12.26 44.63 13.33
C ILE B 98 13.42 43.79 13.84
N GLU B 99 13.36 43.37 15.09
CA GLU B 99 14.52 42.81 15.81
C GLU B 99 14.56 41.27 15.96
N LYS B 100 13.38 40.66 15.81
CA LYS B 100 13.22 39.21 15.77
C LYS B 100 11.83 38.84 15.37
N ILE B 101 11.71 37.67 14.79
CA ILE B 101 10.43 37.17 14.42
C ILE B 101 10.29 35.82 15.01
N SER B 102 9.18 35.66 15.68
CA SER B 102 8.98 34.46 16.40
C SER B 102 7.73 33.81 15.90
N TYR B 103 7.87 32.53 15.58
CA TYR B 103 6.80 31.75 15.07
C TYR B 103 6.40 30.72 16.14
N GLU B 104 5.16 30.34 16.09
CA GLU B 104 4.61 29.37 16.97
C GLU B 104 3.67 28.57 16.06
N ILE B 105 3.97 27.30 15.90
CA ILE B 105 3.24 26.47 15.01
C ILE B 105 2.59 25.34 15.75
N LYS B 106 1.31 25.15 15.53
CA LYS B 106 0.52 24.21 16.26
C LYS B 106 -0.20 23.30 15.25
N LEU B 107 -0.02 22.00 15.34
CA LEU B 107 -0.66 21.05 14.44
C LEU B 107 -1.84 20.44 15.12
N VAL B 108 -2.98 20.58 14.55
CA VAL B 108 -4.19 20.04 15.12
C VAL B 108 -4.77 18.99 14.21
N ALA B 109 -5.16 17.85 14.72
CA ALA B 109 -5.70 16.81 13.84
C ALA B 109 -7.07 17.22 13.30
N SER B 110 -7.30 16.85 12.03
CA SER B 110 -8.51 17.17 11.23
C SER B 110 -8.69 16.16 10.14
N GLY B 111 -9.17 15.03 10.58
CA GLY B 111 -9.68 14.04 9.74
C GLY B 111 -8.62 13.29 9.06
N GLY B 112 -7.68 12.74 9.77
CA GLY B 112 -6.73 11.94 8.92
C GLY B 112 -5.51 12.72 8.52
N GLY B 113 -5.70 14.03 8.39
CA GLY B 113 -4.62 14.95 8.28
C GLY B 113 -4.62 15.98 9.36
N SER B 114 -4.03 17.14 9.05
CA SER B 114 -3.81 18.23 9.98
C SER B 114 -4.28 19.62 9.52
N ILE B 115 -4.70 20.47 10.46
CA ILE B 115 -4.62 21.87 10.26
C ILE B 115 -3.37 22.37 10.91
N ILE B 116 -2.70 23.35 10.30
CA ILE B 116 -1.47 23.85 10.75
C ILE B 116 -1.73 25.27 11.04
N LYS B 117 -1.55 25.57 12.32
CA LYS B 117 -1.88 26.85 12.87
C LYS B 117 -0.66 27.61 13.18
N SER B 118 -0.58 28.76 12.57
CA SER B 118 0.68 29.55 12.58
C SER B 118 0.52 30.93 13.05
N THR B 119 1.28 31.23 14.08
CA THR B 119 1.28 32.55 14.64
C THR B 119 2.65 33.13 14.57
N SER B 120 2.75 34.35 14.08
CA SER B 120 4.01 35.00 14.06
C SER B 120 4.01 36.34 14.70
N HIS B 121 5.12 36.60 15.37
CA HIS B 121 5.26 37.76 16.24
C HIS B 121 6.46 38.51 15.80
N TYR B 122 6.22 39.69 15.27
CA TYR B 122 7.30 40.52 14.78
C TYR B 122 7.57 41.50 15.86
N HIS B 123 8.81 41.52 16.31
CA HIS B 123 9.23 42.26 17.50
C HIS B 123 9.80 43.58 17.07
N THR B 124 8.99 44.59 17.13
CA THR B 124 9.40 45.89 16.73
C THR B 124 10.22 46.57 17.78
N LYS B 125 10.84 47.62 17.27
CA LYS B 125 11.75 48.46 17.99
C LYS B 125 11.67 49.79 17.33
N GLY B 126 10.98 50.69 17.97
CA GLY B 126 10.91 51.99 17.42
C GLY B 126 9.62 52.19 16.72
N GLU B 127 9.65 53.16 15.82
CA GLU B 127 8.60 53.39 14.89
C GLU B 127 8.22 52.06 14.32
N VAL B 128 6.93 51.86 14.17
CA VAL B 128 6.48 50.55 13.70
C VAL B 128 6.19 50.50 12.22
N GLU B 129 7.02 49.82 11.43
CA GLU B 129 6.70 49.64 9.99
C GLU B 129 6.68 48.21 9.65
N ILE B 130 5.48 47.77 9.34
CA ILE B 130 5.28 46.41 8.87
C ILE B 130 4.61 46.36 7.53
N LYS B 131 5.34 45.88 6.52
CA LYS B 131 4.86 46.02 5.14
C LYS B 131 3.96 44.83 4.81
N GLU B 132 2.80 45.08 4.19
CA GLU B 132 1.80 43.99 3.97
C GLU B 132 2.43 42.81 3.24
N GLU B 133 3.39 43.08 2.37
CA GLU B 133 4.09 42.04 1.66
C GLU B 133 5.22 41.37 2.38
N HIS B 134 5.66 41.89 3.49
CA HIS B 134 6.72 41.18 4.22
C HIS B 134 5.97 40.02 4.90
N VAL B 135 4.74 40.27 5.30
CA VAL B 135 3.99 39.26 6.05
C VAL B 135 3.50 38.24 5.09
N LYS B 136 2.93 38.71 4.00
CA LYS B 136 2.43 37.77 3.01
C LYS B 136 3.54 36.87 2.48
N ALA B 137 4.74 37.41 2.32
CA ALA B 137 5.88 36.58 1.96
C ALA B 137 6.12 35.39 2.81
N GLY B 138 5.92 35.51 4.10
CA GLY B 138 6.24 34.38 4.98
C GLY B 138 5.18 33.32 4.94
N LYS B 139 3.99 33.79 4.69
CA LYS B 139 2.81 32.96 4.64
C LYS B 139 2.92 32.12 3.41
N GLU B 140 3.27 32.73 2.27
CA GLU B 140 3.27 32.00 1.01
C GLU B 140 4.48 31.06 1.01
N ARG B 141 5.58 31.55 1.50
CA ARG B 141 6.72 30.72 1.65
C ARG B 141 6.44 29.46 2.49
N ALA B 142 5.68 29.61 3.54
CA ALA B 142 5.32 28.46 4.43
C ALA B 142 4.41 27.45 3.74
N ALA B 143 3.33 27.98 3.18
CA ALA B 143 2.39 27.28 2.33
C ALA B 143 3.07 26.36 1.35
N GLY B 144 4.03 26.94 0.67
CA GLY B 144 4.80 26.17 -0.29
C GLY B 144 5.63 25.04 0.25
N LEU B 145 6.38 25.38 1.28
CA LEU B 145 7.17 24.40 1.97
C LEU B 145 6.33 23.24 2.55
N PHE B 146 5.17 23.53 3.09
CA PHE B 146 4.35 22.43 3.60
C PHE B 146 3.95 21.55 2.43
N LYS B 147 3.51 22.15 1.36
CA LYS B 147 3.19 21.31 0.21
C LYS B 147 4.40 20.44 -0.26
N ILE B 148 5.58 21.03 -0.25
CA ILE B 148 6.76 20.27 -0.60
C ILE B 148 6.97 19.09 0.35
N ILE B 149 6.93 19.36 1.64
CA ILE B 149 6.99 18.28 2.62
C ILE B 149 5.84 17.28 2.47
N GLU B 150 4.61 17.73 2.32
CA GLU B 150 3.49 16.83 2.16
C GLU B 150 3.72 15.96 0.95
N ASN B 151 4.16 16.51 -0.16
CA ASN B 151 4.36 15.63 -1.35
C ASN B 151 5.45 14.60 -1.15
N HIS B 152 6.41 14.94 -0.35
CA HIS B 152 7.52 14.04 -0.21
C HIS B 152 7.12 12.84 0.56
N LEU B 153 6.43 13.13 1.64
CA LEU B 153 5.85 12.14 2.49
C LEU B 153 4.86 11.27 1.74
N LEU B 154 3.96 11.82 0.90
CA LEU B 154 3.10 10.94 0.13
C LEU B 154 3.90 9.99 -0.78
N ALA B 155 5.01 10.45 -1.29
CA ALA B 155 5.85 9.55 -2.03
C ALA B 155 6.69 8.63 -1.16
N HIS B 156 6.77 8.85 0.15
CA HIS B 156 7.74 8.03 0.96
C HIS B 156 7.09 7.54 2.21
N PRO B 157 6.15 6.67 2.01
CA PRO B 157 5.32 6.42 3.20
C PRO B 157 5.93 5.48 4.17
N GLU B 158 7.08 4.96 3.79
CA GLU B 158 7.95 4.25 4.71
C GLU B 158 8.61 5.15 5.72
N GLU B 159 8.75 6.43 5.45
CA GLU B 159 9.35 7.39 6.43
C GLU B 159 8.42 8.05 7.40
N TYR B 160 8.97 8.27 8.56
CA TYR B 160 8.43 9.08 9.63
C TYR B 160 7.22 8.47 10.21
N ASN B 161 7.22 7.13 10.26
CA ASN B 161 6.11 6.45 10.92
C ASN B 161 6.31 6.22 12.39
N ALA C 1 -16.00 -37.03 16.68
CA ALA C 1 -15.94 -36.27 17.98
C ALA C 1 -14.55 -35.60 17.97
N MET C 2 -13.64 -35.95 17.03
CA MET C 2 -12.21 -35.46 17.08
C MET C 2 -11.94 -34.08 16.50
N ALA C 3 -11.49 -33.23 17.40
CA ALA C 3 -11.11 -31.84 17.09
C ALA C 3 -9.64 -31.66 16.87
N GLY C 4 -9.29 -31.18 15.70
CA GLY C 4 -7.91 -30.77 15.46
C GLY C 4 -7.81 -29.38 14.89
N VAL C 5 -6.58 -29.04 14.51
CA VAL C 5 -6.36 -27.89 13.68
C VAL C 5 -5.36 -28.06 12.56
N PHE C 6 -5.82 -27.76 11.35
CA PHE C 6 -4.90 -27.75 10.23
C PHE C 6 -4.40 -26.33 9.98
N THR C 7 -3.10 -26.22 9.72
CA THR C 7 -2.42 -24.89 9.70
C THR C 7 -1.56 -24.67 8.47
N TYR C 8 -2.02 -23.71 7.66
CA TYR C 8 -1.36 -23.38 6.40
C TYR C 8 -0.70 -22.05 6.52
N GLU C 9 0.53 -22.00 6.01
CA GLU C 9 1.29 -20.77 5.98
C GLU C 9 1.55 -20.16 4.61
N SER C 10 1.01 -18.98 4.30
CA SER C 10 1.45 -18.26 3.09
C SER C 10 2.14 -16.90 3.31
N GLU C 11 2.75 -16.38 2.24
CA GLU C 11 3.36 -15.04 2.16
C GLU C 11 3.11 -14.30 0.84
N PHE C 12 2.89 -12.98 0.90
CA PHE C 12 2.70 -12.06 -0.25
C PHE C 12 3.55 -10.87 -0.02
N THR C 13 4.03 -10.26 -1.09
CA THR C 13 4.79 -9.04 -0.95
C THR C 13 3.92 -7.88 -1.33
N SER C 14 4.13 -6.74 -0.70
CA SER C 14 3.49 -5.52 -1.17
C SER C 14 4.50 -4.38 -1.14
N VAL C 15 4.31 -3.43 -2.02
CA VAL C 15 5.15 -2.23 -2.06
C VAL C 15 4.61 -1.16 -1.16
N ILE C 16 3.45 -1.42 -0.58
CA ILE C 16 3.05 -0.61 0.54
C ILE C 16 3.64 -1.00 1.88
N PRO C 17 4.14 -0.06 2.63
CA PRO C 17 4.74 -0.40 3.91
C PRO C 17 3.74 -0.61 5.00
N PRO C 18 4.17 -1.24 6.08
CA PRO C 18 3.24 -1.79 7.01
C PRO C 18 2.30 -0.81 7.58
N PRO C 19 2.78 0.35 7.97
CA PRO C 19 1.71 1.07 8.63
C PRO C 19 0.62 1.64 7.78
N LYS C 20 0.87 1.99 6.49
CA LYS C 20 -0.24 2.40 5.54
C LYS C 20 -1.12 1.19 5.42
N LEU C 21 -0.50 0.06 5.16
CA LEU C 21 -1.26 -1.12 4.80
C LEU C 21 -2.10 -1.54 5.96
N PHE C 22 -1.54 -1.36 7.16
CA PHE C 22 -2.29 -1.67 8.34
C PHE C 22 -3.54 -0.78 8.52
N LYS C 23 -3.38 0.52 8.32
CA LYS C 23 -4.49 1.47 8.56
C LYS C 23 -5.60 1.26 7.52
N ALA C 24 -5.20 0.77 6.37
CA ALA C 24 -6.08 0.52 5.24
C ALA C 24 -6.84 -0.79 5.36
N PHE C 25 -6.12 -1.87 5.22
CA PHE C 25 -6.68 -3.21 5.12
C PHE C 25 -7.21 -3.69 6.42
N VAL C 26 -6.64 -3.27 7.53
CA VAL C 26 -7.12 -3.79 8.81
C VAL C 26 -8.02 -2.77 9.43
N LEU C 27 -7.46 -1.71 9.96
CA LEU C 27 -8.24 -0.65 10.60
C LEU C 27 -9.45 -0.03 9.86
N ASP C 28 -9.52 -0.12 8.55
CA ASP C 28 -10.62 0.50 7.80
C ASP C 28 -11.22 -0.41 6.74
N ALA C 29 -11.12 -1.72 6.94
CA ALA C 29 -11.37 -2.71 5.87
C ALA C 29 -12.83 -2.66 5.42
N ASP C 30 -13.65 -2.40 6.42
CA ASP C 30 -15.07 -2.18 6.26
C ASP C 30 -15.48 -1.23 5.15
N ASN C 31 -14.88 -0.05 5.17
CA ASN C 31 -15.11 0.95 4.15
C ASN C 31 -14.35 0.75 2.81
N LEU C 32 -13.08 0.47 2.96
CA LEU C 32 -12.21 0.45 1.84
C LEU C 32 -12.52 -0.71 0.87
N ILE C 33 -12.81 -1.90 1.37
CA ILE C 33 -12.83 -3.04 0.47
C ILE C 33 -14.05 -3.04 -0.42
N PRO C 34 -15.21 -2.88 0.24
CA PRO C 34 -16.43 -2.64 -0.49
C PRO C 34 -16.22 -1.62 -1.63
N LYS C 35 -15.73 -0.47 -1.23
CA LYS C 35 -15.58 0.60 -2.14
C LYS C 35 -14.55 0.30 -3.23
N ILE C 36 -13.37 -0.17 -2.92
CA ILE C 36 -12.41 -0.24 -4.02
C ILE C 36 -12.50 -1.50 -4.83
N ALA C 37 -13.15 -2.51 -4.27
CA ALA C 37 -13.27 -3.76 -5.00
C ALA C 37 -14.65 -4.34 -4.74
N PRO C 38 -15.61 -4.02 -5.59
CA PRO C 38 -16.96 -4.27 -5.09
C PRO C 38 -17.61 -5.44 -5.76
N GLN C 39 -16.98 -5.89 -6.86
CA GLN C 39 -17.27 -7.16 -7.53
C GLN C 39 -17.13 -8.18 -6.45
N ALA C 40 -16.10 -7.99 -5.64
CA ALA C 40 -15.71 -8.98 -4.66
C ALA C 40 -16.39 -8.83 -3.27
N VAL C 41 -16.74 -7.64 -2.84
CA VAL C 41 -17.51 -7.47 -1.59
C VAL C 41 -18.50 -6.33 -1.71
N LYS C 42 -19.72 -6.67 -1.39
CA LYS C 42 -20.81 -5.76 -1.57
C LYS C 42 -20.81 -4.87 -0.32
N SER C 43 -20.75 -5.47 0.86
CA SER C 43 -20.81 -4.62 2.04
C SER C 43 -20.32 -5.33 3.27
N ALA C 44 -20.33 -4.60 4.41
CA ALA C 44 -19.89 -5.10 5.71
C ALA C 44 -20.46 -4.26 6.75
N GLU C 45 -21.04 -4.87 7.77
CA GLU C 45 -21.40 -4.06 8.89
C GLU C 45 -21.39 -4.80 10.15
N ILE C 46 -20.90 -4.10 11.16
CA ILE C 46 -20.81 -4.58 12.51
C ILE C 46 -22.14 -5.13 12.99
N ILE C 47 -22.06 -6.16 13.83
CA ILE C 47 -23.11 -6.57 14.75
C ILE C 47 -22.44 -6.71 16.11
N GLU C 48 -22.91 -5.98 17.10
CA GLU C 48 -22.45 -6.20 18.47
C GLU C 48 -20.93 -6.18 18.69
N GLY C 49 -20.21 -5.23 18.17
CA GLY C 49 -18.92 -4.99 18.78
C GLY C 49 -18.49 -3.54 18.75
N ASP C 50 -17.53 -3.19 19.60
CA ASP C 50 -17.00 -1.80 19.58
C ASP C 50 -16.16 -1.47 18.34
N GLY C 51 -15.93 -2.46 17.46
CA GLY C 51 -15.07 -2.33 16.25
C GLY C 51 -13.63 -2.84 16.46
N GLY C 52 -13.22 -2.99 17.72
CA GLY C 52 -11.94 -3.58 18.11
C GLY C 52 -12.12 -5.05 18.47
N VAL C 53 -11.29 -5.55 19.38
CA VAL C 53 -11.25 -6.99 19.58
C VAL C 53 -12.59 -7.54 20.02
N GLY C 54 -12.96 -8.67 19.44
CA GLY C 54 -14.24 -9.30 19.75
C GLY C 54 -15.39 -8.84 18.89
N THR C 55 -15.20 -7.82 18.10
CA THR C 55 -16.28 -7.44 17.20
C THR C 55 -16.74 -8.58 16.25
N ILE C 56 -17.98 -8.51 15.82
CA ILE C 56 -18.45 -9.49 14.83
C ILE C 56 -19.06 -8.73 13.72
N LYS C 57 -19.06 -9.30 12.53
CA LYS C 57 -19.39 -8.52 11.33
C LYS C 57 -20.08 -9.37 10.33
N LYS C 58 -21.22 -8.95 9.81
CA LYS C 58 -21.82 -9.75 8.72
C LYS C 58 -21.18 -9.14 7.52
N ILE C 59 -20.76 -9.99 6.61
CA ILE C 59 -20.09 -9.48 5.45
C ILE C 59 -20.77 -9.93 4.17
N HIS C 60 -21.60 -9.07 3.59
CA HIS C 60 -22.27 -9.45 2.39
C HIS C 60 -21.25 -9.59 1.25
N LEU C 61 -21.13 -10.77 0.69
CA LEU C 61 -20.21 -10.95 -0.44
C LEU C 61 -20.91 -10.70 -1.73
N GLY C 62 -20.14 -10.94 -2.80
CA GLY C 62 -20.44 -10.46 -4.13
C GLY C 62 -20.77 -11.62 -4.98
N GLU C 63 -20.33 -11.58 -6.22
CA GLU C 63 -20.53 -12.69 -7.12
C GLU C 63 -19.31 -13.65 -7.12
N GLY C 64 -18.38 -13.47 -6.19
CA GLY C 64 -17.39 -14.52 -5.90
C GLY C 64 -18.15 -15.82 -5.73
N SER C 65 -19.21 -15.78 -4.90
CA SER C 65 -20.27 -16.81 -4.85
C SER C 65 -21.57 -16.08 -4.90
N GLU C 66 -22.65 -16.74 -5.27
CA GLU C 66 -23.94 -16.09 -5.16
C GLU C 66 -24.08 -15.65 -3.71
N TYR C 67 -24.47 -14.39 -3.54
CA TYR C 67 -25.29 -13.98 -2.39
C TYR C 67 -24.67 -14.30 -1.04
N SER C 68 -23.51 -14.95 -1.13
CA SER C 68 -22.86 -15.59 -0.04
C SER C 68 -22.74 -14.55 1.10
N TYR C 69 -22.65 -14.97 2.34
CA TYR C 69 -22.31 -14.06 3.44
C TYR C 69 -21.30 -14.86 4.29
N VAL C 70 -20.57 -14.20 5.18
CA VAL C 70 -19.71 -14.88 6.16
C VAL C 70 -19.71 -14.02 7.36
N LYS C 71 -19.47 -14.57 8.52
CA LYS C 71 -19.22 -13.66 9.63
C LYS C 71 -17.76 -13.68 9.98
N HIS C 72 -17.33 -12.61 10.66
CA HIS C 72 -15.94 -12.44 10.96
C HIS C 72 -16.02 -12.05 12.40
N LYS C 73 -15.12 -12.61 13.19
CA LYS C 73 -14.94 -12.20 14.58
C LYS C 73 -13.50 -11.77 14.74
N ILE C 74 -13.30 -10.64 15.38
CA ILE C 74 -11.95 -10.16 15.50
C ILE C 74 -11.31 -10.71 16.74
N ASP C 75 -10.33 -11.52 16.52
CA ASP C 75 -9.58 -12.13 17.64
C ASP C 75 -8.46 -11.23 18.18
N GLY C 76 -7.84 -10.46 17.32
CA GLY C 76 -6.79 -9.60 17.83
C GLY C 76 -6.28 -8.55 16.91
N ILE C 77 -5.84 -7.47 17.52
CA ILE C 77 -5.32 -6.33 16.82
C ILE C 77 -4.17 -5.82 17.63
N ASP C 78 -3.01 -5.79 17.03
CA ASP C 78 -1.85 -5.24 17.67
C ASP C 78 -1.32 -4.13 16.75
N LYS C 79 -1.81 -2.89 16.93
CA LYS C 79 -1.37 -1.73 16.07
C LYS C 79 0.15 -1.51 16.06
N ASP C 80 0.84 -1.89 17.12
CA ASP C 80 2.27 -1.57 17.23
C ASP C 80 3.06 -2.45 16.31
N ASN C 81 2.76 -3.76 16.34
CA ASN C 81 3.49 -4.83 15.59
C ASN C 81 2.92 -5.32 14.28
N PHE C 82 1.78 -4.72 13.95
CA PHE C 82 1.10 -4.93 12.69
C PHE C 82 0.57 -6.35 12.65
N VAL C 83 -0.20 -6.72 13.69
CA VAL C 83 -0.79 -8.03 13.69
C VAL C 83 -2.24 -8.00 13.89
N TYR C 84 -2.89 -8.79 13.06
CA TYR C 84 -4.31 -8.78 12.99
C TYR C 84 -4.69 -10.20 12.93
N SER C 85 -5.69 -10.54 13.71
CA SER C 85 -6.23 -11.89 13.66
C SER C 85 -7.76 -11.91 13.78
N TYR C 86 -8.36 -12.62 12.87
CA TYR C 86 -9.79 -12.76 12.79
C TYR C 86 -10.09 -14.20 12.36
N SER C 87 -11.30 -14.61 12.68
CA SER C 87 -11.73 -15.94 12.33
C SER C 87 -13.09 -15.81 11.61
N ILE C 88 -13.21 -16.49 10.48
CA ILE C 88 -14.48 -16.69 9.82
C ILE C 88 -15.24 -17.65 10.72
N ILE C 89 -16.44 -17.29 11.13
CA ILE C 89 -17.21 -18.17 11.97
C ILE C 89 -18.57 -18.57 11.44
N GLU C 90 -18.92 -18.20 10.20
CA GLU C 90 -20.16 -18.69 9.69
C GLU C 90 -20.29 -18.87 8.19
N GLY C 91 -21.28 -19.69 7.85
CA GLY C 91 -21.71 -19.84 6.48
C GLY C 91 -20.67 -20.48 5.59
N ASP C 92 -20.20 -19.77 4.59
CA ASP C 92 -19.98 -20.43 3.29
C ASP C 92 -19.02 -21.63 3.33
N ALA C 93 -17.74 -21.36 3.57
CA ALA C 93 -16.71 -22.40 3.75
C ALA C 93 -16.90 -23.21 5.08
N ILE C 94 -17.75 -22.74 5.99
CA ILE C 94 -17.89 -23.30 7.35
C ILE C 94 -19.08 -24.25 7.51
N GLY C 95 -18.80 -25.50 7.09
CA GLY C 95 -19.74 -26.63 7.18
C GLY C 95 -19.56 -27.54 8.39
N ASP C 96 -19.59 -28.84 8.14
CA ASP C 96 -19.56 -29.81 9.24
C ASP C 96 -18.21 -30.37 9.57
N LYS C 97 -17.50 -30.81 8.53
CA LYS C 97 -16.02 -31.05 8.54
C LYS C 97 -15.16 -29.94 9.20
N ILE C 98 -15.56 -28.66 9.02
CA ILE C 98 -14.84 -27.47 9.53
C ILE C 98 -15.66 -26.43 10.31
N GLU C 99 -15.39 -26.28 11.56
CA GLU C 99 -16.25 -25.53 12.47
C GLU C 99 -15.99 -24.00 12.56
N LYS C 100 -14.73 -23.62 12.40
CA LYS C 100 -14.29 -22.24 12.24
C LYS C 100 -12.93 -22.21 11.57
N ILE C 101 -12.58 -21.09 10.94
CA ILE C 101 -11.29 -20.87 10.29
C ILE C 101 -10.69 -19.61 10.82
N SER C 102 -9.42 -19.68 11.19
CA SER C 102 -8.84 -18.57 11.89
C SER C 102 -7.64 -18.11 11.17
N TYR C 103 -7.56 -16.78 11.06
CA TYR C 103 -6.50 -16.13 10.31
C TYR C 103 -5.67 -15.26 11.21
N GLU C 104 -4.41 -15.27 10.87
CA GLU C 104 -3.49 -14.42 11.52
C GLU C 104 -2.48 -13.79 10.54
N ILE C 105 -2.55 -12.47 10.45
CA ILE C 105 -1.89 -11.70 9.44
C ILE C 105 -0.90 -10.79 10.12
N LYS C 106 0.37 -10.89 9.69
CA LYS C 106 1.48 -10.15 10.31
C LYS C 106 2.21 -9.39 9.15
N LEU C 107 2.21 -8.05 9.24
CA LEU C 107 2.88 -7.22 8.27
C LEU C 107 4.33 -6.99 8.72
N VAL C 108 5.29 -7.36 7.87
CA VAL C 108 6.69 -7.21 8.19
C VAL C 108 7.35 -6.27 7.24
N ALA C 109 8.05 -5.28 7.78
CA ALA C 109 8.78 -4.35 6.91
C ALA C 109 9.74 -5.03 6.02
N SER C 110 9.81 -4.58 4.77
CA SER C 110 10.75 -5.11 3.78
C SER C 110 11.20 -4.02 2.81
N GLY C 111 12.04 -3.13 3.30
CA GLY C 111 12.39 -1.88 2.56
C GLY C 111 11.17 -1.06 2.20
N GLY C 112 10.38 -0.75 3.20
CA GLY C 112 9.27 0.16 2.90
C GLY C 112 8.38 -0.21 1.73
N GLY C 113 8.52 -1.46 1.33
CA GLY C 113 7.39 -2.32 1.25
C GLY C 113 7.15 -3.12 2.55
N SER C 114 6.24 -4.08 2.37
CA SER C 114 5.87 -5.09 3.31
C SER C 114 5.94 -6.52 2.80
N ILE C 115 6.30 -7.44 3.68
CA ILE C 115 6.06 -8.83 3.41
C ILE C 115 4.87 -9.18 4.29
N ILE C 116 3.87 -9.78 3.70
CA ILE C 116 2.65 -10.08 4.44
C ILE C 116 2.51 -11.55 4.75
N LYS C 117 2.62 -11.89 6.02
CA LYS C 117 2.65 -13.28 6.50
C LYS C 117 1.32 -13.65 7.00
N SER C 118 0.66 -14.57 6.34
CA SER C 118 -0.76 -14.91 6.68
C SER C 118 -0.71 -16.37 7.11
N THR C 119 -1.24 -16.61 8.30
CA THR C 119 -1.38 -17.95 8.79
C THR C 119 -2.83 -18.31 8.88
N SER C 120 -3.24 -19.35 8.16
CA SER C 120 -4.62 -19.83 8.28
C SER C 120 -4.69 -21.14 9.12
N HIS C 121 -5.76 -21.25 9.89
CA HIS C 121 -5.90 -22.31 10.87
C HIS C 121 -7.30 -22.83 10.74
N TYR C 122 -7.44 -23.94 10.05
CA TYR C 122 -8.75 -24.61 9.98
C TYR C 122 -9.03 -25.49 11.22
N HIS C 123 -10.03 -25.11 12.02
CA HIS C 123 -10.46 -25.93 13.16
C HIS C 123 -11.36 -27.07 12.71
N THR C 124 -10.78 -28.25 12.59
CA THR C 124 -11.54 -29.43 12.18
C THR C 124 -12.24 -30.11 13.31
N LYS C 125 -13.23 -30.89 12.88
CA LYS C 125 -14.06 -31.73 13.71
C LYS C 125 -14.33 -32.94 12.84
N GLY C 126 -13.90 -34.10 13.28
CA GLY C 126 -14.07 -35.29 12.49
C GLY C 126 -12.83 -35.73 11.75
N GLU C 127 -13.11 -36.53 10.72
CA GLU C 127 -12.18 -36.99 9.70
C GLU C 127 -11.65 -35.76 9.01
N VAL C 128 -10.38 -35.74 8.67
CA VAL C 128 -9.84 -34.51 8.10
C VAL C 128 -9.50 -34.62 6.61
N GLU C 129 -10.32 -34.03 5.76
CA GLU C 129 -9.92 -33.90 4.35
C GLU C 129 -9.94 -32.47 3.91
N ILE C 130 -8.81 -32.11 3.32
CA ILE C 130 -8.51 -30.77 2.89
C ILE C 130 -7.82 -30.82 1.54
N LYS C 131 -8.53 -30.30 0.53
CA LYS C 131 -8.08 -30.35 -0.86
C LYS C 131 -6.94 -29.38 -0.99
N GLU C 132 -5.89 -29.72 -1.73
CA GLU C 132 -4.82 -28.76 -2.00
C GLU C 132 -5.38 -27.46 -2.64
N GLU C 133 -6.54 -27.60 -3.28
CA GLU C 133 -7.04 -26.56 -4.11
C GLU C 133 -8.17 -25.78 -3.59
N HIS C 134 -8.94 -26.26 -2.64
CA HIS C 134 -9.72 -25.28 -1.84
C HIS C 134 -8.69 -24.34 -1.14
N VAL C 135 -7.45 -24.80 -0.99
CA VAL C 135 -6.42 -23.98 -0.32
C VAL C 135 -5.68 -23.06 -1.28
N LYS C 136 -5.00 -23.57 -2.31
CA LYS C 136 -4.41 -22.67 -3.27
C LYS C 136 -5.48 -21.64 -3.79
N ALA C 137 -6.76 -21.97 -3.83
CA ALA C 137 -7.81 -20.97 -4.12
C ALA C 137 -7.84 -19.87 -3.14
N GLY C 138 -8.20 -20.18 -1.89
CA GLY C 138 -8.13 -19.27 -0.74
C GLY C 138 -6.88 -18.40 -0.83
N LYS C 139 -5.70 -19.01 -0.98
CA LYS C 139 -4.45 -18.24 -1.09
C LYS C 139 -4.47 -17.20 -2.18
N GLU C 140 -5.01 -17.53 -3.34
CA GLU C 140 -5.05 -16.56 -4.46
C GLU C 140 -6.15 -15.54 -4.41
N ARG C 141 -7.30 -15.90 -3.91
CA ARG C 141 -8.28 -14.90 -3.61
C ARG C 141 -7.65 -13.80 -2.77
N ALA C 142 -6.99 -14.12 -1.68
CA ALA C 142 -6.37 -13.08 -0.84
C ALA C 142 -5.32 -12.26 -1.62
N ALA C 143 -4.38 -12.93 -2.23
CA ALA C 143 -3.33 -12.26 -3.00
C ALA C 143 -3.81 -11.22 -3.97
N GLY C 144 -4.89 -11.55 -4.65
CA GLY C 144 -5.46 -10.66 -5.61
C GLY C 144 -6.12 -9.46 -4.97
N LEU C 145 -6.79 -9.68 -3.85
CA LEU C 145 -7.34 -8.57 -3.08
C LEU C 145 -6.22 -7.67 -2.47
N PHE C 146 -5.01 -8.16 -2.32
CA PHE C 146 -3.98 -7.30 -1.78
C PHE C 146 -3.40 -6.58 -2.96
N LYS C 147 -3.27 -7.23 -4.11
CA LYS C 147 -2.90 -6.50 -5.35
C LYS C 147 -3.88 -5.38 -5.61
N ILE C 148 -5.14 -5.58 -5.33
CA ILE C 148 -6.09 -4.50 -5.56
C ILE C 148 -5.84 -3.34 -4.62
N ILE C 149 -5.72 -3.64 -3.33
CA ILE C 149 -5.44 -2.62 -2.35
C ILE C 149 -4.14 -1.88 -2.62
N GLU C 150 -3.13 -2.62 -3.04
CA GLU C 150 -1.82 -2.05 -3.36
C GLU C 150 -2.00 -1.01 -4.45
N ASN C 151 -2.65 -1.42 -5.51
CA ASN C 151 -2.84 -0.59 -6.70
C ASN C 151 -3.69 0.64 -6.40
N HIS C 152 -4.71 0.43 -5.61
CA HIS C 152 -5.49 1.52 -5.17
C HIS C 152 -4.66 2.57 -4.43
N LEU C 153 -3.97 2.18 -3.38
CA LEU C 153 -3.28 3.12 -2.55
C LEU C 153 -2.10 3.74 -3.26
N LEU C 154 -1.51 3.00 -4.19
CA LEU C 154 -0.47 3.62 -5.01
C LEU C 154 -1.04 4.68 -5.96
N ALA C 155 -2.31 4.57 -6.33
CA ALA C 155 -2.88 5.64 -7.11
C ALA C 155 -3.50 6.68 -6.25
N HIS C 156 -3.65 6.41 -4.96
CA HIS C 156 -4.31 7.35 -4.06
C HIS C 156 -3.52 7.56 -2.81
N PRO C 157 -2.33 8.14 -2.98
CA PRO C 157 -1.45 8.32 -1.83
C PRO C 157 -1.93 9.29 -0.80
N GLU C 158 -2.94 10.11 -1.09
CA GLU C 158 -3.49 11.00 -0.06
C GLU C 158 -4.00 10.19 1.11
N GLU C 159 -4.53 8.99 0.86
CA GLU C 159 -5.20 8.18 1.88
C GLU C 159 -4.24 7.34 2.80
N TYR C 160 -4.50 7.40 4.10
CA TYR C 160 -3.83 6.56 5.10
C TYR C 160 -2.38 6.81 5.42
N ASN C 161 -2.07 8.07 5.66
CA ASN C 161 -0.73 8.43 6.01
C ASN C 161 -0.58 8.74 7.48
N ALA D 1 -43.46 -16.71 -24.51
CA ALA D 1 -42.99 -16.10 -25.94
C ALA D 1 -42.88 -14.61 -26.33
N MET D 2 -43.42 -13.75 -25.49
CA MET D 2 -43.25 -12.28 -25.52
C MET D 2 -41.83 -11.75 -25.56
N ALA D 3 -41.54 -11.09 -26.67
CA ALA D 3 -40.30 -10.28 -26.76
C ALA D 3 -40.35 -8.87 -26.22
N GLY D 4 -39.30 -8.49 -25.51
CA GLY D 4 -39.11 -7.15 -24.92
C GLY D 4 -37.63 -6.79 -24.75
N VAL D 5 -37.38 -5.59 -24.25
CA VAL D 5 -36.06 -5.18 -23.88
C VAL D 5 -36.21 -4.48 -22.58
N PHE D 6 -35.44 -4.92 -21.60
CA PHE D 6 -35.24 -4.18 -20.35
C PHE D 6 -33.99 -3.35 -20.36
N THR D 7 -34.11 -2.09 -19.99
CA THR D 7 -32.99 -1.15 -20.10
C THR D 7 -32.56 -0.48 -18.77
N TYR D 8 -31.28 -0.61 -18.46
CA TYR D 8 -30.69 -0.10 -17.25
C TYR D 8 -29.60 0.84 -17.58
N GLU D 9 -29.60 1.92 -16.83
CA GLU D 9 -28.58 2.93 -17.04
C GLU D 9 -27.75 3.21 -15.82
N SER D 10 -26.42 3.36 -16.02
CA SER D 10 -25.46 3.72 -14.98
C SER D 10 -24.30 4.58 -15.43
N GLU D 11 -23.72 5.42 -14.53
CA GLU D 11 -22.42 6.08 -14.85
C GLU D 11 -21.25 5.86 -13.86
N PHE D 12 -20.01 6.01 -14.29
CA PHE D 12 -18.78 5.91 -13.43
C PHE D 12 -18.01 7.13 -13.86
N THR D 13 -17.36 7.77 -12.94
CA THR D 13 -16.34 8.73 -13.32
C THR D 13 -15.00 7.98 -13.38
N SER D 14 -14.14 8.41 -14.29
CA SER D 14 -12.71 8.10 -14.23
C SER D 14 -11.85 9.31 -14.54
N VAL D 15 -10.64 9.25 -14.06
CA VAL D 15 -9.68 10.33 -14.29
C VAL D 15 -8.88 10.11 -15.58
N ILE D 16 -9.02 8.96 -16.24
CA ILE D 16 -8.52 8.89 -17.62
C ILE D 16 -9.43 9.59 -18.58
N PRO D 17 -8.86 10.42 -19.40
CA PRO D 17 -9.76 11.03 -20.37
C PRO D 17 -10.08 10.11 -21.57
N PRO D 18 -11.04 10.52 -22.39
CA PRO D 18 -11.65 9.56 -23.26
C PRO D 18 -10.77 8.89 -24.29
N PRO D 19 -9.88 9.57 -24.92
CA PRO D 19 -8.99 8.85 -25.83
C PRO D 19 -8.12 7.73 -25.23
N LYS D 20 -7.32 8.05 -24.21
CA LYS D 20 -6.40 7.08 -23.48
C LYS D 20 -7.34 5.95 -23.07
N LEU D 21 -8.49 6.30 -22.53
CA LEU D 21 -9.37 5.28 -21.97
C LEU D 21 -9.97 4.40 -23.03
N PHE D 22 -10.37 5.01 -24.13
CA PHE D 22 -10.89 4.20 -25.25
C PHE D 22 -9.84 3.28 -25.82
N LYS D 23 -8.67 3.85 -26.00
CA LYS D 23 -7.59 3.03 -26.44
C LYS D 23 -7.41 1.77 -25.57
N ALA D 24 -7.53 1.95 -24.27
CA ALA D 24 -7.13 0.90 -23.38
C ALA D 24 -8.22 -0.13 -23.20
N PHE D 25 -9.38 0.31 -22.75
CA PHE D 25 -10.57 -0.51 -22.45
C PHE D 25 -11.22 -1.14 -23.64
N VAL D 26 -11.20 -0.46 -24.78
CA VAL D 26 -11.85 -0.96 -25.99
C VAL D 26 -10.87 -1.52 -26.98
N LEU D 27 -10.18 -0.65 -27.68
CA LEU D 27 -9.18 -1.04 -28.70
C LEU D 27 -8.16 -2.10 -28.29
N ASP D 28 -7.43 -1.89 -27.22
CA ASP D 28 -6.44 -2.89 -26.87
C ASP D 28 -6.88 -3.73 -25.65
N ALA D 29 -8.19 -3.96 -25.59
CA ALA D 29 -8.80 -4.65 -24.47
C ALA D 29 -8.43 -6.10 -24.36
N ASP D 30 -8.20 -6.69 -25.52
CA ASP D 30 -7.87 -8.11 -25.57
C ASP D 30 -6.58 -8.47 -24.86
N ASN D 31 -5.47 -7.76 -25.11
CA ASN D 31 -4.26 -7.89 -24.25
C ASN D 31 -4.45 -7.39 -22.86
N LEU D 32 -5.02 -6.17 -22.76
CA LEU D 32 -4.78 -5.33 -21.60
C LEU D 32 -5.40 -5.99 -20.38
N ILE D 33 -6.66 -6.43 -20.51
CA ILE D 33 -7.46 -6.83 -19.35
C ILE D 33 -7.02 -8.10 -18.66
N PRO D 34 -6.72 -9.12 -19.48
CA PRO D 34 -6.21 -10.37 -18.97
C PRO D 34 -4.90 -10.16 -18.23
N LYS D 35 -3.98 -9.42 -18.87
CA LYS D 35 -2.76 -8.97 -18.22
C LYS D 35 -3.04 -8.21 -16.94
N ILE D 36 -3.96 -7.26 -16.89
CA ILE D 36 -3.99 -6.41 -15.66
C ILE D 36 -4.95 -6.88 -14.59
N ALA D 37 -5.76 -7.86 -14.90
CA ALA D 37 -6.72 -8.30 -13.88
C ALA D 37 -6.97 -9.75 -14.05
N PRO D 38 -5.93 -10.59 -13.94
CA PRO D 38 -6.16 -11.96 -14.42
C PRO D 38 -7.06 -12.76 -13.48
N GLN D 39 -7.30 -12.16 -12.30
CA GLN D 39 -8.23 -12.71 -11.36
C GLN D 39 -9.67 -12.73 -11.92
N ALA D 40 -10.01 -11.76 -12.75
CA ALA D 40 -11.37 -11.66 -13.35
C ALA D 40 -11.48 -12.12 -14.83
N VAL D 41 -10.38 -12.19 -15.55
CA VAL D 41 -10.37 -12.68 -16.95
C VAL D 41 -9.07 -13.46 -17.12
N LYS D 42 -9.18 -14.69 -17.65
CA LYS D 42 -8.01 -15.53 -18.00
C LYS D 42 -7.49 -15.13 -19.35
N SER D 43 -8.35 -15.22 -20.35
CA SER D 43 -7.91 -15.05 -21.70
C SER D 43 -9.06 -14.55 -22.54
N ALA D 44 -8.75 -14.18 -23.77
CA ALA D 44 -9.74 -13.63 -24.66
C ALA D 44 -9.34 -13.89 -26.10
N GLU D 45 -10.16 -14.65 -26.78
CA GLU D 45 -9.79 -15.14 -28.08
C GLU D 45 -10.79 -14.72 -29.12
N ILE D 46 -10.33 -14.01 -30.15
CA ILE D 46 -11.16 -13.82 -31.34
C ILE D 46 -11.51 -15.19 -31.95
N ILE D 47 -12.76 -15.33 -32.39
CA ILE D 47 -13.19 -16.44 -33.26
C ILE D 47 -14.05 -15.83 -34.33
N GLU D 48 -13.72 -16.05 -35.58
CA GLU D 48 -14.62 -15.52 -36.57
C GLU D 48 -14.70 -13.98 -36.64
N GLY D 49 -13.77 -13.26 -36.11
CA GLY D 49 -13.87 -11.87 -36.36
C GLY D 49 -12.69 -11.22 -37.04
N ASP D 50 -13.04 -10.24 -37.85
CA ASP D 50 -12.16 -9.11 -38.24
C ASP D 50 -11.25 -8.46 -37.13
N GLY D 51 -11.68 -8.47 -35.86
CA GLY D 51 -11.17 -7.61 -34.72
C GLY D 51 -12.06 -6.36 -34.43
N GLY D 52 -12.67 -5.83 -35.50
CA GLY D 52 -13.63 -4.73 -35.43
C GLY D 52 -15.10 -5.19 -35.52
N VAL D 53 -15.96 -4.32 -36.03
CA VAL D 53 -17.41 -4.53 -35.90
C VAL D 53 -17.74 -5.92 -36.39
N GLY D 54 -18.42 -6.74 -35.60
CA GLY D 54 -18.78 -8.08 -36.05
C GLY D 54 -17.97 -9.20 -35.41
N THR D 55 -16.79 -8.86 -34.94
CA THR D 55 -15.98 -9.85 -34.28
C THR D 55 -16.74 -10.68 -33.25
N ILE D 56 -16.33 -11.93 -32.98
CA ILE D 56 -16.90 -12.72 -31.86
C ILE D 56 -15.73 -13.19 -31.01
N LYS D 57 -15.91 -13.37 -29.72
CA LYS D 57 -14.78 -13.61 -28.84
C LYS D 57 -15.17 -14.51 -27.73
N LYS D 58 -14.40 -15.54 -27.51
CA LYS D 58 -14.67 -16.38 -26.36
C LYS D 58 -13.85 -15.75 -25.28
N ILE D 59 -14.45 -15.65 -24.11
CA ILE D 59 -13.77 -15.03 -23.00
C ILE D 59 -13.73 -15.92 -21.76
N HIS D 60 -12.63 -16.65 -21.59
CA HIS D 60 -12.55 -17.58 -20.46
C HIS D 60 -12.37 -16.72 -19.22
N LEU D 61 -13.28 -16.91 -18.26
CA LEU D 61 -13.33 -16.12 -17.00
C LEU D 61 -12.46 -16.68 -15.89
N GLY D 62 -12.39 -16.01 -14.74
CA GLY D 62 -11.27 -16.19 -13.80
C GLY D 62 -11.47 -16.93 -12.47
N SER D 68 -17.78 -19.69 -15.95
CA SER D 68 -16.43 -19.98 -16.52
C SER D 68 -16.04 -19.41 -17.91
N TYR D 69 -17.01 -19.27 -18.84
CA TYR D 69 -16.82 -18.61 -20.16
C TYR D 69 -18.05 -17.71 -20.60
N VAL D 70 -17.84 -16.73 -21.52
CA VAL D 70 -18.93 -15.95 -22.20
C VAL D 70 -18.48 -15.56 -23.62
N LYS D 71 -19.41 -15.28 -24.52
CA LYS D 71 -19.04 -14.81 -25.88
C LYS D 71 -19.50 -13.40 -26.09
N HIS D 72 -18.80 -12.64 -26.92
CA HIS D 72 -19.09 -11.23 -27.10
C HIS D 72 -19.16 -11.01 -28.60
N LYS D 73 -20.17 -10.31 -29.03
CA LYS D 73 -20.16 -9.78 -30.36
C LYS D 73 -19.99 -8.28 -30.28
N ILE D 74 -19.02 -7.79 -30.98
CA ILE D 74 -18.85 -6.39 -31.14
C ILE D 74 -19.88 -5.80 -32.10
N ASP D 75 -20.77 -4.97 -31.59
CA ASP D 75 -21.85 -4.38 -32.41
C ASP D 75 -21.50 -3.05 -33.04
N GLY D 76 -20.66 -2.26 -32.37
CA GLY D 76 -20.33 -0.92 -32.84
C GLY D 76 -19.05 -0.40 -32.23
N ILE D 77 -18.25 0.25 -33.08
CA ILE D 77 -17.10 1.02 -32.64
C ILE D 77 -17.08 2.39 -33.28
N ASP D 78 -17.00 3.45 -32.48
CA ASP D 78 -16.84 4.86 -32.95
C ASP D 78 -15.57 5.54 -32.35
N LYS D 79 -14.35 5.23 -32.80
CA LYS D 79 -13.15 5.89 -32.23
C LYS D 79 -13.31 7.40 -32.04
N ASP D 80 -14.23 8.02 -32.75
CA ASP D 80 -14.26 9.49 -32.76
C ASP D 80 -15.10 10.06 -31.68
N ASN D 81 -16.29 9.49 -31.47
CA ASN D 81 -17.19 9.83 -30.34
C ASN D 81 -17.10 8.95 -29.10
N PHE D 82 -16.22 7.97 -29.18
CA PHE D 82 -15.88 7.12 -28.08
C PHE D 82 -17.11 6.36 -27.68
N VAL D 83 -17.61 5.58 -28.62
CA VAL D 83 -18.76 4.77 -28.35
C VAL D 83 -18.42 3.41 -28.77
N TYR D 84 -18.76 2.47 -27.92
CA TYR D 84 -18.49 1.08 -28.12
C TYR D 84 -19.67 0.32 -27.65
N SER D 85 -20.12 -0.58 -28.49
CA SER D 85 -21.23 -1.38 -28.13
C SER D 85 -20.94 -2.85 -28.52
N TYR D 86 -21.28 -3.73 -27.58
CA TYR D 86 -20.92 -5.14 -27.62
C TYR D 86 -22.14 -5.84 -26.98
N SER D 87 -22.31 -7.14 -27.27
CA SER D 87 -23.35 -7.95 -26.62
C SER D 87 -22.80 -9.30 -26.19
N ILE D 88 -23.02 -9.66 -24.92
CA ILE D 88 -22.90 -11.02 -24.41
C ILE D 88 -23.94 -11.89 -25.17
N ILE D 89 -23.49 -12.73 -26.08
CA ILE D 89 -24.27 -13.62 -26.98
C ILE D 89 -24.56 -15.00 -26.45
N GLU D 90 -23.79 -15.46 -25.49
CA GLU D 90 -23.85 -16.85 -25.04
C GLU D 90 -22.98 -16.93 -23.82
N GLY D 91 -23.47 -17.58 -22.77
CA GLY D 91 -22.89 -17.35 -21.43
C GLY D 91 -23.80 -17.80 -20.30
N ASP D 92 -23.31 -17.62 -19.09
CA ASP D 92 -24.02 -18.13 -17.91
C ASP D 92 -25.31 -17.42 -17.84
N ALA D 93 -25.26 -16.08 -17.91
CA ALA D 93 -26.48 -15.19 -17.83
C ALA D 93 -27.54 -15.40 -18.98
N ILE D 94 -27.07 -15.68 -20.19
CA ILE D 94 -27.95 -16.00 -21.27
C ILE D 94 -28.73 -17.32 -21.11
N GLY D 95 -30.00 -17.17 -20.68
CA GLY D 95 -31.00 -18.24 -20.57
C GLY D 95 -32.01 -18.42 -21.73
N ASP D 96 -33.18 -18.91 -21.34
CA ASP D 96 -34.41 -18.91 -22.13
C ASP D 96 -35.15 -17.63 -21.83
N LYS D 97 -35.14 -17.28 -20.54
CA LYS D 97 -35.68 -16.01 -20.03
C LYS D 97 -34.99 -14.76 -20.58
N ILE D 98 -33.70 -14.86 -20.96
CA ILE D 98 -32.94 -13.71 -21.42
C ILE D 98 -32.10 -14.11 -22.59
N GLU D 99 -32.31 -13.51 -23.73
CA GLU D 99 -31.70 -14.06 -24.93
C GLU D 99 -30.37 -13.45 -25.30
N LYS D 100 -30.13 -12.25 -24.78
CA LYS D 100 -28.86 -11.57 -24.91
C LYS D 100 -28.82 -10.28 -24.20
N ILE D 101 -27.61 -9.85 -23.87
CA ILE D 101 -27.41 -8.60 -23.21
C ILE D 101 -26.51 -7.71 -24.05
N SER D 102 -26.98 -6.51 -24.25
CA SER D 102 -26.38 -5.59 -25.17
C SER D 102 -26.02 -4.38 -24.38
N TYR D 103 -24.76 -4.00 -24.49
CA TYR D 103 -24.16 -2.97 -23.71
C TYR D 103 -23.75 -1.87 -24.68
N GLU D 104 -23.99 -0.64 -24.28
CA GLU D 104 -23.57 0.45 -25.10
C GLU D 104 -22.84 1.42 -24.21
N ILE D 105 -21.62 1.75 -24.56
CA ILE D 105 -20.73 2.46 -23.63
C ILE D 105 -20.17 3.71 -24.23
N LYS D 106 -20.44 4.82 -23.58
CA LYS D 106 -20.10 6.15 -24.11
C LYS D 106 -19.14 6.90 -23.16
N LEU D 107 -17.92 7.15 -23.61
CA LEU D 107 -16.96 8.01 -22.91
C LEU D 107 -17.17 9.48 -23.27
N VAL D 108 -17.40 10.28 -22.25
CA VAL D 108 -17.63 11.74 -22.33
C VAL D 108 -16.59 12.51 -21.53
N ALA D 109 -15.96 13.53 -22.10
CA ALA D 109 -14.87 14.21 -21.38
C ALA D 109 -15.41 15.12 -20.26
N SER D 110 -14.88 15.04 -19.02
CA SER D 110 -15.15 16.08 -17.99
C SER D 110 -14.01 16.15 -17.05
N GLY D 111 -13.57 17.40 -16.83
CA GLY D 111 -12.42 17.71 -15.96
C GLY D 111 -11.22 16.86 -16.32
N GLY D 112 -10.81 16.92 -17.59
CA GLY D 112 -9.72 16.06 -18.05
C GLY D 112 -9.67 14.61 -17.55
N GLY D 113 -10.84 14.06 -17.25
CA GLY D 113 -11.03 12.62 -17.28
C GLY D 113 -12.35 12.45 -18.00
N SER D 114 -13.03 11.36 -17.64
CA SER D 114 -14.21 10.87 -18.35
C SER D 114 -15.37 10.60 -17.42
N ILE D 115 -16.57 10.96 -17.82
CA ILE D 115 -17.74 10.27 -17.32
C ILE D 115 -17.99 9.12 -18.27
N ILE D 116 -18.02 7.89 -17.77
CA ILE D 116 -18.39 6.76 -18.61
C ILE D 116 -19.85 6.48 -18.42
N LYS D 117 -20.55 6.54 -19.53
CA LYS D 117 -21.99 6.50 -19.56
C LYS D 117 -22.43 5.20 -20.12
N SER D 118 -23.10 4.43 -19.31
CA SER D 118 -23.29 3.03 -19.71
C SER D 118 -24.70 2.56 -19.61
N THR D 119 -25.15 2.04 -20.74
CA THR D 119 -26.50 1.46 -20.92
C THR D 119 -26.50 -0.06 -21.18
N SER D 120 -27.18 -0.82 -20.33
CA SER D 120 -27.45 -2.20 -20.67
C SER D 120 -28.90 -2.52 -21.05
N HIS D 121 -29.02 -3.23 -22.19
CA HIS D 121 -30.28 -3.76 -22.72
C HIS D 121 -30.35 -5.26 -22.66
N TYR D 122 -31.04 -5.74 -21.63
CA TYR D 122 -31.39 -7.15 -21.48
C TYR D 122 -32.59 -7.51 -22.38
N HIS D 123 -32.34 -8.28 -23.42
CA HIS D 123 -33.36 -8.73 -24.39
C HIS D 123 -34.15 -9.94 -23.92
N THR D 124 -35.33 -9.74 -23.34
CA THR D 124 -36.09 -10.80 -22.76
C THR D 124 -36.97 -11.55 -23.74
N LYS D 125 -37.46 -12.66 -23.19
CA LYS D 125 -38.32 -13.65 -23.82
C LYS D 125 -39.20 -14.27 -22.75
N GLY D 126 -40.47 -14.06 -22.88
CA GLY D 126 -41.30 -14.55 -21.84
C GLY D 126 -41.51 -13.52 -20.80
N GLU D 127 -42.15 -13.99 -19.73
CA GLU D 127 -42.33 -13.29 -18.47
C GLU D 127 -41.00 -12.84 -17.99
N VAL D 128 -40.99 -11.64 -17.46
CA VAL D 128 -39.76 -10.97 -17.21
C VAL D 128 -39.52 -10.96 -15.73
N GLU D 129 -38.51 -11.73 -15.31
CA GLU D 129 -37.96 -11.57 -13.95
C GLU D 129 -36.43 -11.41 -13.91
N ILE D 130 -36.06 -10.20 -13.51
CA ILE D 130 -34.70 -9.77 -13.47
C ILE D 130 -34.46 -9.30 -12.07
N LYS D 131 -33.52 -9.98 -11.41
CA LYS D 131 -33.31 -9.69 -10.02
C LYS D 131 -32.35 -8.47 -9.95
N GLU D 132 -32.68 -7.58 -9.02
CA GLU D 132 -31.87 -6.39 -8.75
C GLU D 132 -30.39 -6.79 -8.65
N GLU D 133 -30.08 -7.69 -7.74
CA GLU D 133 -28.74 -8.20 -7.67
C GLU D 133 -28.11 -8.58 -9.01
N HIS D 134 -28.73 -9.33 -9.89
CA HIS D 134 -28.02 -9.72 -11.15
C HIS D 134 -27.65 -8.46 -11.92
N VAL D 135 -28.52 -7.46 -11.86
CA VAL D 135 -28.23 -6.22 -12.53
C VAL D 135 -27.13 -5.40 -11.83
N LYS D 136 -27.30 -5.06 -10.57
CA LYS D 136 -26.15 -4.53 -9.77
C LYS D 136 -24.82 -5.28 -9.98
N ALA D 137 -24.79 -6.57 -9.80
CA ALA D 137 -23.60 -7.35 -10.21
C ALA D 137 -22.95 -6.93 -11.53
N GLY D 138 -23.74 -6.70 -12.54
CA GLY D 138 -23.14 -6.22 -13.78
C GLY D 138 -22.46 -4.87 -13.69
N LYS D 139 -23.13 -3.96 -13.00
CA LYS D 139 -22.64 -2.62 -12.80
C LYS D 139 -21.33 -2.69 -12.09
N GLU D 140 -21.30 -3.45 -11.00
CA GLU D 140 -20.17 -3.47 -10.13
C GLU D 140 -18.94 -4.13 -10.79
N ARG D 141 -19.17 -5.13 -11.64
CA ARG D 141 -18.04 -5.72 -12.41
C ARG D 141 -17.35 -4.69 -13.23
N ALA D 142 -18.15 -3.90 -13.89
CA ALA D 142 -17.66 -2.95 -14.84
C ALA D 142 -16.91 -1.86 -14.11
N ALA D 143 -17.47 -1.46 -12.99
CA ALA D 143 -16.94 -0.43 -12.15
C ALA D 143 -15.62 -0.86 -11.59
N GLY D 144 -15.56 -2.08 -11.09
CA GLY D 144 -14.32 -2.57 -10.52
C GLY D 144 -13.22 -2.72 -11.58
N LEU D 145 -13.61 -3.13 -12.77
CA LEU D 145 -12.67 -3.23 -13.89
C LEU D 145 -12.14 -1.83 -14.35
N PHE D 146 -13.01 -0.85 -14.33
CA PHE D 146 -12.58 0.46 -14.74
C PHE D 146 -11.61 0.95 -13.73
N LYS D 147 -11.86 0.71 -12.46
CA LYS D 147 -10.88 0.99 -11.42
C LYS D 147 -9.59 0.19 -11.56
N ILE D 148 -9.64 -1.06 -11.99
CA ILE D 148 -8.36 -1.72 -12.24
C ILE D 148 -7.63 -0.98 -13.35
N ILE D 149 -8.32 -0.63 -14.42
CA ILE D 149 -7.64 -0.03 -15.57
C ILE D 149 -7.07 1.36 -15.24
N GLU D 150 -7.91 2.16 -14.65
CA GLU D 150 -7.56 3.44 -14.16
C GLU D 150 -6.31 3.33 -13.34
N ASN D 151 -6.24 2.42 -12.41
CA ASN D 151 -5.06 2.34 -11.55
C ASN D 151 -3.81 1.88 -12.31
N HIS D 152 -3.97 1.08 -13.34
CA HIS D 152 -2.81 0.67 -14.11
C HIS D 152 -2.21 1.77 -14.98
N LEU D 153 -3.06 2.54 -15.59
CA LEU D 153 -2.65 3.65 -16.43
C LEU D 153 -2.06 4.83 -15.65
N LEU D 154 -2.58 5.07 -14.45
CA LEU D 154 -1.95 5.98 -13.52
C LEU D 154 -0.52 5.54 -13.18
N ALA D 155 -0.34 4.25 -13.06
CA ALA D 155 0.95 3.72 -12.74
C ALA D 155 1.81 3.76 -13.96
N HIS D 156 1.23 3.81 -15.15
CA HIS D 156 2.03 3.73 -16.37
C HIS D 156 1.64 4.87 -17.33
N PRO D 157 1.96 6.09 -16.92
CA PRO D 157 1.39 7.13 -17.76
C PRO D 157 2.08 7.26 -19.09
N GLU D 158 3.14 6.48 -19.30
CA GLU D 158 3.84 6.39 -20.63
C GLU D 158 3.00 5.65 -21.63
N GLU D 159 2.28 4.67 -21.16
CA GLU D 159 1.32 3.90 -21.92
C GLU D 159 0.00 4.58 -22.42
N TYR D 160 -0.44 4.15 -23.60
CA TYR D 160 -1.73 4.59 -24.23
C TYR D 160 -1.90 6.08 -24.45
N ASN D 161 -0.81 6.70 -24.84
CA ASN D 161 -0.85 8.11 -25.16
C ASN D 161 -1.11 8.40 -26.62
N ALA E 1 2.71 -30.22 -3.49
CA ALA E 1 3.79 -29.24 -3.16
C ALA E 1 3.44 -28.73 -1.72
N MET E 2 2.15 -28.77 -1.35
CA MET E 2 1.62 -28.08 -0.17
C MET E 2 2.05 -28.60 1.19
N ALA E 3 2.81 -27.76 1.90
CA ALA E 3 3.18 -28.04 3.30
C ALA E 3 2.20 -27.57 4.37
N GLY E 4 1.81 -28.49 5.23
CA GLY E 4 0.77 -28.29 6.26
C GLY E 4 1.19 -28.85 7.61
N VAL E 5 0.36 -28.56 8.62
CA VAL E 5 0.51 -29.14 9.92
C VAL E 5 -0.81 -29.35 10.62
N PHE E 6 -1.17 -30.63 10.86
CA PHE E 6 -2.37 -31.01 11.66
C PHE E 6 -2.00 -31.23 13.10
N THR E 7 -2.78 -30.65 13.98
CA THR E 7 -2.43 -30.55 15.36
C THR E 7 -3.53 -31.05 16.25
N TYR E 8 -3.18 -32.12 16.98
CA TYR E 8 -4.10 -32.83 17.90
C TYR E 8 -3.72 -32.66 19.33
N GLU E 9 -4.76 -32.32 20.10
CA GLU E 9 -4.59 -32.12 21.52
C GLU E 9 -5.32 -33.06 22.46
N SER E 10 -4.61 -33.53 23.47
CA SER E 10 -5.12 -34.57 24.39
C SER E 10 -4.41 -34.60 25.72
N GLU E 11 -5.12 -34.96 26.78
CA GLU E 11 -4.43 -35.07 28.07
C GLU E 11 -4.97 -36.17 28.93
N PHE E 12 -4.14 -36.66 29.84
CA PHE E 12 -4.55 -37.67 30.78
C PHE E 12 -3.78 -37.50 32.06
N THR E 13 -4.15 -38.29 33.06
CA THR E 13 -3.62 -38.18 34.40
C THR E 13 -2.87 -39.40 34.76
N SER E 14 -1.77 -39.15 35.45
CA SER E 14 -1.00 -40.17 36.11
C SER E 14 -0.94 -39.81 37.57
N VAL E 15 -0.99 -40.79 38.45
CA VAL E 15 -0.79 -40.53 39.88
C VAL E 15 0.68 -40.31 40.25
N ILE E 16 1.54 -40.00 39.31
CA ILE E 16 2.95 -39.76 39.67
C ILE E 16 3.30 -38.27 39.60
N PRO E 17 3.97 -37.76 40.63
CA PRO E 17 4.42 -36.41 40.49
C PRO E 17 5.34 -36.24 39.27
N PRO E 18 5.21 -35.10 38.57
CA PRO E 18 6.02 -34.67 37.45
C PRO E 18 7.50 -34.92 37.53
N PRO E 19 8.10 -34.56 38.65
CA PRO E 19 9.56 -34.69 38.68
C PRO E 19 9.97 -36.15 38.49
N LYS E 20 9.25 -37.07 39.15
CA LYS E 20 9.50 -38.52 39.14
C LYS E 20 9.14 -39.10 37.76
N LEU E 21 8.00 -38.74 37.25
CA LEU E 21 7.56 -39.22 35.97
C LEU E 21 8.48 -38.79 34.83
N PHE E 22 9.01 -37.59 34.91
CA PHE E 22 9.89 -37.10 33.87
C PHE E 22 11.19 -37.89 33.82
N LYS E 23 11.72 -38.22 34.98
CA LYS E 23 13.02 -38.90 35.04
C LYS E 23 12.81 -40.22 34.33
N ALA E 24 11.71 -40.87 34.73
CA ALA E 24 11.34 -42.16 34.14
C ALA E 24 11.09 -42.13 32.60
N PHE E 25 10.09 -41.38 32.15
CA PHE E 25 9.74 -41.35 30.71
C PHE E 25 10.83 -40.78 29.89
N VAL E 26 11.50 -39.78 30.41
CA VAL E 26 12.41 -39.12 29.54
C VAL E 26 13.79 -39.64 29.70
N LEU E 27 14.38 -39.59 30.88
CA LEU E 27 15.81 -39.97 30.93
C LEU E 27 15.95 -41.49 30.88
N ASP E 28 14.87 -42.23 30.88
CA ASP E 28 15.03 -43.66 31.14
C ASP E 28 14.03 -44.67 30.56
N ALA E 29 13.16 -44.24 29.67
CA ALA E 29 12.16 -45.14 29.12
C ALA E 29 12.84 -46.21 28.31
N ASP E 30 14.03 -45.91 27.91
CA ASP E 30 14.50 -46.72 26.87
C ASP E 30 15.21 -47.88 27.40
N ASN E 31 15.56 -47.87 28.68
CA ASN E 31 16.05 -49.13 29.29
C ASN E 31 14.91 -49.86 29.92
N LEU E 32 14.00 -49.09 30.47
CA LEU E 32 13.01 -49.67 31.36
C LEU E 32 11.91 -50.37 30.58
N ILE E 33 11.38 -49.72 29.54
CA ILE E 33 10.32 -50.42 28.85
C ILE E 33 10.66 -51.83 28.33
N PRO E 34 11.85 -52.04 27.87
CA PRO E 34 12.05 -53.42 27.44
C PRO E 34 12.11 -54.46 28.54
N LYS E 35 12.50 -54.02 29.72
CA LYS E 35 12.49 -54.86 30.91
C LYS E 35 11.07 -55.19 31.35
N ILE E 36 10.13 -54.26 31.30
CA ILE E 36 8.81 -54.53 31.89
C ILE E 36 7.63 -54.59 30.94
N ALA E 37 7.89 -54.21 29.69
CA ALA E 37 6.87 -54.17 28.65
C ALA E 37 7.42 -54.41 27.27
N PRO E 38 8.01 -55.54 27.05
CA PRO E 38 8.70 -55.66 25.79
C PRO E 38 7.82 -55.77 24.63
N GLN E 39 6.56 -55.78 24.91
CA GLN E 39 5.55 -55.97 23.87
C GLN E 39 5.15 -54.62 23.42
N ALA E 40 5.70 -53.62 24.05
CA ALA E 40 5.50 -52.28 23.63
C ALA E 40 6.81 -51.82 22.92
N VAL E 41 7.95 -52.01 23.56
CA VAL E 41 9.17 -51.74 22.93
C VAL E 41 10.19 -52.85 23.21
N LYS E 42 10.71 -53.56 22.19
CA LYS E 42 11.76 -54.63 22.42
C LYS E 42 13.08 -53.90 22.71
N SER E 43 13.36 -52.80 22.01
CA SER E 43 14.57 -51.99 22.29
C SER E 43 14.72 -50.61 21.65
N ALA E 44 15.78 -49.96 22.08
CA ALA E 44 16.09 -48.67 21.61
C ALA E 44 17.55 -48.64 21.51
N GLU E 45 18.04 -48.28 20.33
CA GLU E 45 19.47 -47.95 20.18
C GLU E 45 19.68 -46.53 19.62
N ILE E 46 20.64 -45.85 20.26
CA ILE E 46 21.15 -44.55 19.77
C ILE E 46 21.94 -44.66 18.42
N ILE E 47 21.47 -44.04 17.37
CA ILE E 47 22.17 -43.97 16.09
C ILE E 47 23.15 -42.78 16.05
N GLU E 48 22.80 -41.66 16.71
CA GLU E 48 23.56 -40.39 16.67
C GLU E 48 23.25 -39.58 17.88
N GLY E 49 24.16 -38.69 18.26
CA GLY E 49 23.96 -37.79 19.42
C GLY E 49 24.37 -38.47 20.71
N ASP E 50 24.24 -37.74 21.81
CA ASP E 50 24.70 -38.23 23.12
C ASP E 50 23.55 -38.67 24.04
N GLY E 51 22.33 -38.55 23.52
CA GLY E 51 21.10 -38.73 24.29
C GLY E 51 20.41 -37.42 24.62
N GLY E 52 21.13 -36.32 24.48
CA GLY E 52 20.52 -35.03 24.69
C GLY E 52 19.79 -34.65 23.43
N VAL E 53 19.45 -33.38 23.32
CA VAL E 53 18.73 -32.89 22.16
C VAL E 53 19.42 -33.16 20.83
N GLY E 54 18.63 -33.36 19.79
CA GLY E 54 19.10 -33.75 18.47
C GLY E 54 19.51 -35.23 18.31
N THR E 55 19.49 -36.01 19.40
CA THR E 55 19.75 -37.45 19.33
C THR E 55 18.81 -38.20 18.41
N ILE E 56 19.35 -39.15 17.66
CA ILE E 56 18.54 -40.01 16.81
C ILE E 56 18.55 -41.46 17.22
N LYS E 57 17.35 -42.06 17.22
CA LYS E 57 17.08 -43.35 17.82
C LYS E 57 16.29 -44.28 16.97
N LYS E 58 16.75 -45.52 16.96
CA LYS E 58 16.02 -46.57 16.26
C LYS E 58 15.32 -47.33 17.31
N ILE E 59 14.02 -47.46 17.14
CA ILE E 59 13.15 -48.03 18.19
C ILE E 59 12.46 -49.25 17.72
N HIS E 60 12.87 -50.38 18.28
CA HIS E 60 12.33 -51.68 17.85
C HIS E 60 11.18 -51.95 18.70
N LEU E 61 10.04 -51.79 18.08
CA LEU E 61 8.75 -52.09 18.72
C LEU E 61 8.33 -53.58 18.84
N GLY E 62 7.19 -53.76 19.53
CA GLY E 62 6.35 -54.99 19.48
C GLY E 62 6.90 -55.66 20.69
N GLU E 63 6.62 -56.95 20.79
CA GLU E 63 5.85 -57.64 19.76
C GLU E 63 4.35 -57.42 19.72
N GLY E 64 3.83 -56.38 20.36
CA GLY E 64 2.36 -56.11 20.60
C GLY E 64 1.75 -55.19 19.54
N SER E 65 2.52 -54.22 19.15
CA SER E 65 2.32 -53.55 17.88
C SER E 65 2.72 -54.38 16.69
N GLU E 66 1.81 -54.27 15.71
CA GLU E 66 1.97 -54.80 14.38
C GLU E 66 3.07 -54.14 13.55
N TYR E 67 3.85 -53.22 14.09
CA TYR E 67 4.76 -52.46 13.29
C TYR E 67 6.26 -52.77 13.48
N SER E 68 6.66 -53.17 14.63
CA SER E 68 8.20 -53.32 14.88
C SER E 68 9.24 -52.13 14.98
N TYR E 69 9.31 -51.24 13.97
CA TYR E 69 10.30 -50.07 14.02
C TYR E 69 9.89 -48.60 13.69
N VAL E 70 10.51 -47.64 14.41
CA VAL E 70 10.42 -46.21 14.09
C VAL E 70 11.67 -45.48 14.52
N LYS E 71 11.99 -44.37 13.84
CA LYS E 71 13.12 -43.50 14.26
C LYS E 71 12.64 -42.29 15.07
N HIS E 72 13.32 -42.01 16.17
CA HIS E 72 13.00 -40.78 16.91
C HIS E 72 14.12 -39.78 16.78
N LYS E 73 13.69 -38.52 16.77
CA LYS E 73 14.59 -37.41 16.94
C LYS E 73 14.15 -36.75 18.21
N ILE E 74 15.11 -36.49 19.09
CA ILE E 74 14.84 -35.66 20.28
C ILE E 74 14.93 -34.16 19.96
N ASP E 75 13.81 -33.49 20.04
CA ASP E 75 13.71 -32.10 19.56
C ASP E 75 13.90 -31.07 20.68
N GLY E 76 13.53 -31.45 21.90
CA GLY E 76 13.93 -30.65 23.01
C GLY E 76 13.61 -31.26 24.33
N ILE E 77 14.39 -30.86 25.34
CA ILE E 77 14.24 -31.30 26.72
C ILE E 77 14.37 -30.12 27.65
N ASP E 78 13.32 -29.79 28.37
CA ASP E 78 13.41 -28.80 29.43
C ASP E 78 13.19 -29.40 30.85
N LYS E 79 14.25 -29.90 31.47
CA LYS E 79 14.07 -30.58 32.79
C LYS E 79 13.29 -29.75 33.88
N ASP E 80 13.42 -28.42 33.81
CA ASP E 80 12.85 -27.48 34.80
C ASP E 80 11.37 -27.39 34.61
N ASN E 81 10.95 -27.26 33.36
CA ASN E 81 9.54 -27.17 33.04
C ASN E 81 8.74 -28.44 32.73
N PHE E 82 9.41 -29.59 32.78
CA PHE E 82 8.74 -30.84 32.50
C PHE E 82 8.21 -30.89 31.07
N VAL E 83 9.09 -30.48 30.15
CA VAL E 83 8.74 -30.47 28.75
C VAL E 83 9.70 -31.21 27.90
N TYR E 84 9.15 -32.16 27.15
CA TYR E 84 9.93 -33.06 26.31
C TYR E 84 9.32 -33.04 25.00
N SER E 85 10.13 -33.13 23.96
CA SER E 85 9.56 -33.04 22.60
C SER E 85 10.39 -33.85 21.67
N TYR E 86 9.73 -34.60 20.76
CA TYR E 86 10.44 -35.64 19.92
C TYR E 86 9.67 -35.85 18.72
N SER E 87 10.28 -36.51 17.76
CA SER E 87 9.57 -36.63 16.50
C SER E 87 9.74 -38.01 15.95
N ILE E 88 8.66 -38.52 15.36
CA ILE E 88 8.74 -39.76 14.61
C ILE E 88 9.01 -39.41 13.17
N ILE E 89 10.29 -39.35 12.94
CA ILE E 89 10.89 -39.10 11.66
C ILE E 89 10.64 -40.21 10.67
N GLU E 90 10.59 -41.45 11.11
CA GLU E 90 10.65 -42.52 10.15
C GLU E 90 9.88 -43.72 10.67
N GLY E 91 9.21 -44.38 9.76
CA GLY E 91 8.62 -45.59 10.12
C GLY E 91 7.30 -45.82 9.51
N ASP E 92 6.72 -46.91 9.90
CA ASP E 92 5.55 -47.27 9.23
C ASP E 92 4.31 -46.40 9.61
N ALA E 93 4.27 -45.74 10.78
CA ALA E 93 3.17 -44.73 11.07
C ALA E 93 3.19 -43.35 10.21
N ILE E 94 4.37 -43.00 9.71
CA ILE E 94 4.52 -41.91 8.73
C ILE E 94 4.16 -42.37 7.30
N GLY E 95 2.93 -42.08 6.84
CA GLY E 95 2.48 -42.31 5.41
C GLY E 95 3.32 -41.64 4.31
N ASP E 96 2.80 -41.61 3.07
CA ASP E 96 3.37 -40.70 2.03
C ASP E 96 2.79 -39.29 2.29
N LYS E 97 1.50 -39.34 2.62
CA LYS E 97 0.70 -38.24 3.14
C LYS E 97 1.43 -37.44 4.21
N ILE E 98 1.92 -38.16 5.24
CA ILE E 98 2.58 -37.57 6.40
C ILE E 98 4.10 -37.75 6.42
N GLU E 99 4.86 -36.68 6.69
CA GLU E 99 6.33 -36.73 6.59
C GLU E 99 7.10 -36.82 7.89
N LYS E 100 6.36 -36.67 8.98
CA LYS E 100 6.98 -36.53 10.28
C LYS E 100 5.83 -36.35 11.27
N ILE E 101 5.99 -36.81 12.49
CA ILE E 101 5.02 -36.50 13.52
C ILE E 101 5.75 -36.05 14.71
N SER E 102 5.26 -34.96 15.26
CA SER E 102 6.03 -34.28 16.24
C SER E 102 5.23 -34.13 17.44
N TYR E 103 5.90 -34.31 18.55
CA TYR E 103 5.19 -34.39 19.83
C TYR E 103 5.80 -33.40 20.82
N GLU E 104 4.94 -32.65 21.48
CA GLU E 104 5.38 -32.01 22.70
C GLU E 104 4.52 -32.52 23.75
N ILE E 105 5.22 -32.98 24.77
CA ILE E 105 4.57 -33.46 25.97
C ILE E 105 4.90 -32.57 27.12
N LYS E 106 3.88 -32.13 27.83
CA LYS E 106 4.14 -31.29 29.00
C LYS E 106 3.43 -31.84 30.20
N LEU E 107 4.24 -31.95 31.24
CA LEU E 107 3.81 -32.47 32.53
C LEU E 107 3.54 -31.36 33.50
N VAL E 108 2.36 -31.34 34.03
CA VAL E 108 2.02 -30.33 35.04
C VAL E 108 1.57 -30.94 36.36
N ALA E 109 2.10 -30.39 37.47
CA ALA E 109 1.77 -30.98 38.81
C ALA E 109 0.30 -30.91 39.12
N SER E 110 -0.23 -31.89 39.83
CA SER E 110 -1.68 -31.85 40.10
C SER E 110 -2.15 -32.69 41.32
N GLY E 111 -1.86 -32.12 42.49
CA GLY E 111 -2.23 -32.70 43.76
C GLY E 111 -1.39 -33.93 43.88
N GLY E 112 -0.08 -33.75 43.74
CA GLY E 112 0.89 -34.87 43.93
C GLY E 112 0.85 -35.96 42.87
N GLY E 113 -0.27 -35.99 42.12
CA GLY E 113 -0.34 -36.49 40.73
C GLY E 113 0.33 -35.64 39.63
N SER E 114 -0.04 -35.99 38.39
CA SER E 114 0.29 -35.20 37.21
C SER E 114 -0.81 -35.17 36.18
N ILE E 115 -0.85 -34.07 35.44
CA ILE E 115 -1.67 -33.98 34.27
C ILE E 115 -0.64 -34.03 33.16
N ILE E 116 -0.91 -34.87 32.13
CA ILE E 116 0.01 -34.99 30.99
C ILE E 116 -0.59 -34.41 29.76
N LYS E 117 0.00 -33.26 29.41
CA LYS E 117 -0.55 -32.48 28.32
C LYS E 117 0.26 -32.78 27.09
N SER E 118 -0.41 -33.35 26.10
CA SER E 118 0.32 -33.78 24.88
C SER E 118 -0.24 -33.17 23.62
N THR E 119 0.66 -32.62 22.85
CA THR E 119 0.32 -32.10 21.56
C THR E 119 1.04 -32.92 20.50
N SER E 120 0.29 -33.28 19.49
CA SER E 120 0.89 -33.87 18.31
C SER E 120 0.69 -33.10 17.02
N HIS E 121 1.73 -33.14 16.22
CA HIS E 121 1.82 -32.42 14.96
C HIS E 121 2.14 -33.32 13.80
N TYR E 122 1.09 -33.65 13.08
CA TYR E 122 1.23 -34.42 11.83
C TYR E 122 1.58 -33.45 10.74
N HIS E 123 2.79 -33.56 10.25
CA HIS E 123 3.28 -32.70 9.19
C HIS E 123 2.88 -33.21 7.82
N THR E 124 1.83 -32.65 7.25
CA THR E 124 1.49 -32.96 5.88
C THR E 124 2.36 -32.36 4.76
N LYS E 125 2.05 -32.92 3.58
CA LYS E 125 2.63 -32.66 2.26
C LYS E 125 1.65 -33.18 1.23
N GLY E 126 1.10 -32.30 0.45
CA GLY E 126 0.11 -32.77 -0.50
C GLY E 126 -1.24 -32.69 0.09
N GLU E 127 -2.16 -33.30 -0.64
CA GLU E 127 -3.54 -33.49 -0.23
C GLU E 127 -3.51 -33.97 1.17
N VAL E 128 -4.53 -33.65 1.93
CA VAL E 128 -4.46 -33.99 3.33
C VAL E 128 -5.64 -34.82 3.72
N GLU E 129 -5.35 -36.07 4.07
CA GLU E 129 -6.34 -36.92 4.75
C GLU E 129 -5.74 -37.60 5.94
N ILE E 130 -6.51 -37.49 7.02
CA ILE E 130 -6.08 -37.92 8.31
C ILE E 130 -7.24 -38.57 8.99
N LYS E 131 -7.03 -39.87 9.24
CA LYS E 131 -8.09 -40.75 9.67
C LYS E 131 -8.24 -40.67 11.19
N GLU E 132 -9.48 -40.47 11.64
CA GLU E 132 -9.75 -40.33 13.09
C GLU E 132 -9.03 -41.40 13.90
N GLU E 133 -9.09 -42.67 13.48
CA GLU E 133 -8.42 -43.73 14.23
C GLU E 133 -6.89 -43.79 14.15
N HIS E 134 -6.29 -43.49 13.02
CA HIS E 134 -4.83 -43.31 13.03
C HIS E 134 -4.40 -42.35 14.13
N VAL E 135 -5.16 -41.29 14.36
CA VAL E 135 -4.79 -40.37 15.45
C VAL E 135 -4.94 -41.04 16.84
N LYS E 136 -6.08 -41.69 17.04
CA LYS E 136 -6.37 -42.33 18.32
C LYS E 136 -5.26 -43.33 18.57
N ALA E 137 -4.97 -44.13 17.58
CA ALA E 137 -4.06 -45.20 17.77
C ALA E 137 -2.77 -44.68 18.32
N GLY E 138 -2.28 -43.64 17.71
CA GLY E 138 -0.95 -43.13 18.01
C GLY E 138 -0.88 -42.42 19.31
N LYS E 139 -2.02 -41.83 19.67
CA LYS E 139 -2.25 -41.26 21.03
C LYS E 139 -2.16 -42.33 22.07
N GLU E 140 -2.99 -43.36 21.91
CA GLU E 140 -2.97 -44.51 22.82
C GLU E 140 -1.56 -45.12 22.97
N ARG E 141 -0.78 -45.21 21.92
CA ARG E 141 0.57 -45.73 22.09
C ARG E 141 1.39 -44.81 22.94
N ALA E 142 1.39 -43.50 22.69
CA ALA E 142 2.19 -42.56 23.56
C ALA E 142 1.69 -42.63 25.01
N ALA E 143 0.38 -42.77 25.16
CA ALA E 143 -0.28 -42.78 26.45
C ALA E 143 -0.02 -44.01 27.21
N GLY E 144 -0.44 -45.13 26.64
CA GLY E 144 -0.30 -46.44 27.26
C GLY E 144 1.15 -46.71 27.76
N LEU E 145 2.09 -45.92 27.29
CA LEU E 145 3.42 -46.22 27.65
C LEU E 145 3.64 -45.50 28.98
N PHE E 146 2.69 -44.67 29.35
CA PHE E 146 2.92 -43.83 30.51
C PHE E 146 2.33 -44.64 31.64
N LYS E 147 1.21 -45.27 31.33
CA LYS E 147 0.57 -46.21 32.23
C LYS E 147 1.48 -47.38 32.64
N ILE E 148 2.18 -47.99 31.70
CA ILE E 148 3.27 -48.90 32.03
C ILE E 148 4.17 -48.27 33.08
N ILE E 149 4.45 -47.00 32.97
CA ILE E 149 5.33 -46.41 33.98
C ILE E 149 4.63 -46.08 35.33
N GLU E 150 3.37 -45.66 35.29
CA GLU E 150 2.53 -45.49 36.48
C GLU E 150 2.63 -46.83 37.19
N ASN E 151 2.19 -47.88 36.52
CA ASN E 151 2.14 -49.22 37.11
C ASN E 151 3.45 -49.65 37.77
N HIS E 152 4.53 -49.27 37.16
CA HIS E 152 5.79 -49.69 37.66
C HIS E 152 6.23 -48.96 38.85
N LEU E 153 5.90 -47.68 38.92
CA LEU E 153 6.51 -46.87 39.94
C LEU E 153 5.77 -47.04 41.20
N LEU E 154 4.45 -47.18 41.09
CA LEU E 154 3.66 -47.81 42.20
C LEU E 154 4.28 -49.08 42.75
N ALA E 155 4.45 -50.09 41.92
CA ALA E 155 4.99 -51.35 42.49
C ALA E 155 6.44 -51.24 42.88
N HIS E 156 7.10 -50.14 42.61
CA HIS E 156 8.50 -50.14 42.96
C HIS E 156 8.89 -48.78 43.50
N PRO E 157 8.34 -48.39 44.65
CA PRO E 157 8.51 -46.97 44.93
C PRO E 157 9.85 -46.59 45.52
N GLU E 158 10.81 -47.52 45.65
CA GLU E 158 12.25 -47.14 45.76
C GLU E 158 13.03 -46.69 44.47
N GLU E 159 12.29 -46.52 43.39
CA GLU E 159 12.88 -46.35 42.07
C GLU E 159 12.51 -44.99 41.58
N TYR E 160 13.48 -44.23 41.14
CA TYR E 160 13.19 -42.91 40.50
C TYR E 160 12.94 -41.79 41.55
N ASN E 161 13.25 -42.15 42.81
CA ASN E 161 13.24 -41.23 43.93
C ASN E 161 13.87 -39.83 43.81
O94 KXN F . 6.24 28.44 -16.94
C94 KXN F . 7.12 29.17 -16.20
C93 KXN F . 6.48 30.13 -15.45
O93 KXN F . 5.15 30.09 -15.66
C92 KXN F . 7.17 30.98 -14.59
C95 KXN F . 8.52 29.01 -16.17
C96 KXN F . 9.21 29.86 -15.33
C91 KXN F . 8.51 30.81 -14.56
C2 KXN F . 9.16 31.72 -13.83
O1 KXN F . 9.88 31.15 -12.79
C3 KXN F . 10.39 32.37 -14.75
O3 KXN F . 10.03 32.90 -16.03
C4 KXN F . 10.99 33.52 -14.13
C10 KXN F . 11.14 33.23 -12.77
C9 KXN F . 10.61 32.11 -12.11
C8 KXN F . 10.85 31.94 -10.77
C5 KXN F . 11.90 34.17 -12.08
O51 KXN F . 12.38 35.24 -12.81
C6 KXN F . 12.13 34.01 -10.73
C7 KXN F . 11.59 32.90 -10.09
O71 KXN F . 11.80 32.74 -8.74
O94 KXN G . 12.21 24.83 8.96
C94 KXN G . 12.40 25.94 8.18
C93 KXN G . 13.65 25.97 7.58
O93 KXN G . 14.50 24.96 7.84
C92 KXN G . 13.96 26.98 6.77
C95 KXN G . 11.41 26.92 7.98
C96 KXN G . 11.75 27.96 7.15
C91 KXN G . 13.02 27.95 6.55
C2 KXN G . 13.44 29.05 5.80
O1 KXN G . 13.15 28.87 4.41
C3 KXN G . 12.94 30.53 6.47
O3 KXN G . 13.30 30.90 7.89
C4 KXN G . 13.62 31.56 5.78
C10 KXN G . 13.54 31.30 4.41
C9 KXN G . 13.33 30.03 3.76
C8 KXN G . 13.27 29.98 2.38
C5 KXN G . 13.69 32.45 3.65
O51 KXN G . 13.86 33.56 4.42
C6 KXN G . 13.63 32.43 2.27
C7 KXN G . 13.42 31.17 1.67
O71 KXN G . 13.33 31.10 0.35
O94 KXN H . -11.11 -7.88 5.36
C94 KXN H . -11.58 -8.86 4.52
C93 KXN H . -12.91 -8.68 4.16
O93 KXN H . -13.50 -7.56 4.70
C92 KXN H . -13.54 -9.56 3.31
C95 KXN H . -10.81 -9.96 4.04
C96 KXN H . -11.44 -10.85 3.18
C91 KXN H . -12.79 -10.63 2.85
C2 KXN H . -13.40 -11.53 2.08
O1 KXN H . -12.78 -11.44 0.85
C3 KXN H . -13.21 -13.07 2.68
O3 KXN H . -13.64 -13.40 4.09
C4 KXN H . -13.97 -14.01 1.84
C10 KXN H . -13.93 -13.57 0.50
C9 KXN H . -13.36 -12.35 0.02
C8 KXN H . -13.40 -12.06 -1.34
C5 KXN H . -14.51 -14.44 -0.42
O51 KXN H . -15.03 -15.60 0.05
C6 KXN H . -14.56 -14.17 -1.78
C7 KXN H . -14.00 -12.97 -2.22
O71 KXN H . -14.07 -12.73 -3.55
O94 KXN I . -14.01 -5.34 -22.42
C94 KXN I . -14.49 -6.28 -21.53
C93 KXN I . -13.92 -7.59 -21.55
O93 KXN I . -12.92 -7.87 -22.44
C92 KXN I . -14.35 -8.59 -20.70
C95 KXN I . -15.53 -5.95 -20.63
C96 KXN I . -15.95 -6.95 -19.77
C91 KXN I . -15.37 -8.24 -19.83
C2 KXN I . -15.90 -9.23 -18.99
O1 KXN I . -15.44 -9.35 -17.67
C3 KXN I . -17.55 -9.31 -19.24
O3 KXN I . -18.01 -9.52 -20.57
C4 KXN I . -18.18 -10.43 -18.55
C10 KXN I . -17.55 -10.63 -17.33
C9 KXN I . -16.26 -10.14 -16.90
C8 KXN I . -15.80 -10.47 -15.64
C5 KXN I . -18.29 -11.44 -16.49
O51 KXN I . -19.49 -11.84 -17.01
C6 KXN I . -17.84 -11.81 -15.24
C7 KXN I . -16.60 -11.30 -14.83
O71 KXN I . -16.16 -11.64 -13.62
O94 KXN J . 9.72 -42.66 24.55
C94 KXN J . 9.05 -43.35 23.65
C93 KXN J . 9.66 -44.49 23.20
O93 KXN J . 10.89 -44.83 23.72
C92 KXN J . 8.98 -45.24 22.29
C95 KXN J . 7.83 -42.88 23.21
C96 KXN J . 7.16 -43.61 22.30
C91 KXN J . 7.73 -44.80 21.85
C2 KXN J . 7.07 -45.50 20.84
O1 KXN J . 6.27 -46.40 21.52
C3 KXN J . 6.09 -44.56 20.04
O3 KXN J . 6.89 -43.61 19.38
C4 KXN J . 5.39 -45.27 19.00
C10 KXN J . 5.11 -46.57 19.43
C9 KXN J . 5.56 -47.12 20.62
C8 KXN J . 5.29 -48.39 20.96
C5 KXN J . 4.39 -47.37 18.59
O51 KXN J . 3.95 -46.88 17.47
C6 KXN J . 4.12 -48.65 18.90
C7 KXN J . 4.58 -49.14 20.09
O71 KXN J . 4.33 -50.40 20.46
O94 KXN K . 8.46 -64.58 22.29
C94 KXN K . 8.00 -63.38 22.74
C93 KXN K . 8.51 -61.96 22.62
O93 KXN K . 9.63 -61.37 21.98
C92 KXN K . 7.84 -60.96 23.18
C95 KXN K . 6.87 -63.71 23.43
C96 KXN K . 6.17 -62.72 24.04
C91 KXN K . 6.75 -61.43 23.93
C2 KXN K . 6.00 -60.52 24.36
O1 KXN K . 5.03 -60.98 23.17
C3 KXN K . 5.62 -61.07 25.52
O3 KXN K . 5.85 -60.16 26.52
C4 KXN K . 4.15 -61.39 25.37
C10 KXN K . 3.32 -60.67 24.50
C9 KXN K . 3.75 -60.53 23.26
C8 KXN K . 2.97 -59.92 22.29
C5 KXN K . 2.07 -60.16 24.79
O51 KXN K . 1.53 -60.29 26.06
C6 KXN K . 1.30 -59.51 23.88
C7 KXN K . 1.72 -59.44 22.62
O71 KXN K . 0.90 -58.84 21.80
#